data_2J9V
# 
_entry.id   2J9V 
# 
_audit_conform.dict_name       mmcif_pdbx.dic 
_audit_conform.dict_version    5.391 
_audit_conform.dict_location   http://mmcif.pdb.org/dictionaries/ascii/mmcif_pdbx.dic 
# 
loop_
_database_2.database_id 
_database_2.database_code 
_database_2.pdbx_database_accession 
_database_2.pdbx_DOI 
PDB   2J9V         pdb_00002j9v 10.2210/pdb2j9v/pdb 
PDBE  EBI-28846    ?            ?                   
WWPDB D_1290028846 ?            ?                   
# 
loop_
_pdbx_audit_revision_history.ordinal 
_pdbx_audit_revision_history.data_content_type 
_pdbx_audit_revision_history.major_revision 
_pdbx_audit_revision_history.minor_revision 
_pdbx_audit_revision_history.revision_date 
1 'Structure model' 1 0 2007-01-23 
2 'Structure model' 1 1 2011-05-08 
3 'Structure model' 1 2 2011-07-13 
4 'Structure model' 1 3 2018-01-24 
5 'Structure model' 1 4 2024-05-01 
# 
_pdbx_audit_revision_details.ordinal             1 
_pdbx_audit_revision_details.revision_ordinal    1 
_pdbx_audit_revision_details.data_content_type   'Structure model' 
_pdbx_audit_revision_details.provider            repository 
_pdbx_audit_revision_details.type                'Initial release' 
_pdbx_audit_revision_details.description         ? 
_pdbx_audit_revision_details.details             ? 
# 
loop_
_pdbx_audit_revision_group.ordinal 
_pdbx_audit_revision_group.revision_ordinal 
_pdbx_audit_revision_group.data_content_type 
_pdbx_audit_revision_group.group 
1 2 'Structure model' 'Version format compliance' 
2 3 'Structure model' 'Version format compliance' 
3 4 'Structure model' 'Source and taxonomy'       
4 5 'Structure model' 'Data collection'           
5 5 'Structure model' 'Database references'       
6 5 'Structure model' Other                       
7 5 'Structure model' 'Refinement description'    
# 
loop_
_pdbx_audit_revision_category.ordinal 
_pdbx_audit_revision_category.revision_ordinal 
_pdbx_audit_revision_category.data_content_type 
_pdbx_audit_revision_category.category 
1 4 'Structure model' entity_src_gen                
2 5 'Structure model' chem_comp_atom                
3 5 'Structure model' chem_comp_bond                
4 5 'Structure model' database_2                    
5 5 'Structure model' pdbx_database_status          
6 5 'Structure model' pdbx_initial_refinement_model 
# 
loop_
_pdbx_audit_revision_item.ordinal 
_pdbx_audit_revision_item.revision_ordinal 
_pdbx_audit_revision_item.data_content_type 
_pdbx_audit_revision_item.item 
1 4 'Structure model' '_entity_src_gen.pdbx_host_org_ncbi_taxonomy_id' 
2 4 'Structure model' '_entity_src_gen.pdbx_host_org_scientific_name'  
3 4 'Structure model' '_entity_src_gen.pdbx_host_org_strain'           
4 4 'Structure model' '_entity_src_gen.pdbx_host_org_variant'          
5 5 'Structure model' '_database_2.pdbx_DOI'                           
6 5 'Structure model' '_database_2.pdbx_database_accession'            
7 5 'Structure model' '_pdbx_database_status.status_code_sf'           
# 
_pdbx_database_status.status_code                     REL 
_pdbx_database_status.entry_id                        2J9V 
_pdbx_database_status.deposit_site                    PDBE 
_pdbx_database_status.process_site                    PDBE 
_pdbx_database_status.SG_entry                        . 
_pdbx_database_status.recvd_initial_deposition_date   2006-11-16 
_pdbx_database_status.pdb_format_compatible           Y 
_pdbx_database_status.status_code_sf                  REL 
_pdbx_database_status.status_code_mr                  ? 
_pdbx_database_status.status_code_cs                  ? 
_pdbx_database_status.methods_development_category    ? 
_pdbx_database_status.status_code_nmr_data            ? 
# 
loop_
_pdbx_database_related.db_name 
_pdbx_database_related.db_id 
_pdbx_database_related.content_type 
_pdbx_database_related.details 
PDB 2CAZ unspecified 'ESCRT-I CORE' 
PDB 2G3K unspecified 'CRYSTAL STRUCTURE OF THE C-TERMINAL DOMAIN OF VPS28' 
PDB 2J9U unspecified 
'2 ANGSTROM X-RAY STRUCTURE OF THE YEAST ESCRT-I VPS28 C-TERMINUS IN COMPLEX WITH THE NZF-N DOMAIN FROM ESCRT-II' 
PDB 2J9W unspecified 'STRUCTURAL INSIGHT INTO THE ESCRT-I-II LINK AND ITS ROLE IN MVB TRAFFICKING' 
# 
loop_
_audit_author.name 
_audit_author.pdbx_ordinal 
'Gill, D.J.'       1 
'Teo, H.L.'        2 
'Sun, J.'          3 
'Perisic, O.'      4 
'Veprintsev, D.B.' 5 
'Emr, S.D.'        6 
'Williams, R.L.'   7 
# 
_citation.id                        primary 
_citation.title                     'Structural Insight Into the Escrt-I/-II Link and its Role in Mvb Trafficking.' 
_citation.journal_abbrev            'Embo J.' 
_citation.journal_volume            26 
_citation.page_first                600 
_citation.page_last                 ? 
_citation.year                      2007 
_citation.journal_id_ASTM           EMJODG 
_citation.country                   UK 
_citation.journal_id_ISSN           0261-4189 
_citation.journal_id_CSD            0897 
_citation.book_publisher            ? 
_citation.pdbx_database_id_PubMed   17215868 
_citation.pdbx_database_id_DOI      10.1038/SJ.EMBOJ.7601501 
# 
loop_
_citation_author.citation_id 
_citation_author.name 
_citation_author.ordinal 
_citation_author.identifier_ORCID 
primary 'Gill, D.J.'       1 ? 
primary 'Teo, H.'          2 ? 
primary 'Sun, J.'          3 ? 
primary 'Perisic, O.'      4 ? 
primary 'Veprintsev, D.B.' 5 ? 
primary 'Emr, S.D.'        6 ? 
primary 'Williams, R.L.'   7 ? 
# 
loop_
_entity.id 
_entity.type 
_entity.src_method 
_entity.pdbx_description 
_entity.formula_weight 
_entity.pdbx_number_of_molecules 
_entity.pdbx_ec 
_entity.pdbx_mutation 
_entity.pdbx_fragment 
_entity.details 
1 polymer man 'VACUOLAR PROTEIN SORTING-ASSOCIATED PROTEIN 28' 11566.261 1  ? ? 'RESIDUES 148-242' ? 
2 water   nat water                                            18.015    49 ? ? ?                  ? 
# 
_entity_name_com.entity_id   1 
_entity_name_com.name        VPS28 
# 
_entity_poly.entity_id                      1 
_entity_poly.type                           'polypeptide(L)' 
_entity_poly.nstd_linkage                   no 
_entity_poly.nstd_monomer                   no 
_entity_poly.pdbx_seq_one_letter_code       
;HHHMFNAKYVAEATGNFITVMDALKLNYNAKDQLHPLLAELLISINRVTRDDFENRSKLIDWIVRINKLSIGDTLTETQI
RELLFDLELAYKSFYALLD
;
_entity_poly.pdbx_seq_one_letter_code_can   
;HHHMFNAKYVAEATGNFITVMDALKLNYNAKDQLHPLLAELLISINRVTRDDFENRSKLIDWIVRINKLSIGDTLTETQI
RELLFDLELAYKSFYALLD
;
_entity_poly.pdbx_strand_id                 A 
_entity_poly.pdbx_target_identifier         ? 
# 
_pdbx_entity_nonpoly.entity_id   2 
_pdbx_entity_nonpoly.name        water 
_pdbx_entity_nonpoly.comp_id     HOH 
# 
loop_
_entity_poly_seq.entity_id 
_entity_poly_seq.num 
_entity_poly_seq.mon_id 
_entity_poly_seq.hetero 
1 1  HIS n 
1 2  HIS n 
1 3  HIS n 
1 4  MET n 
1 5  PHE n 
1 6  ASN n 
1 7  ALA n 
1 8  LYS n 
1 9  TYR n 
1 10 VAL n 
1 11 ALA n 
1 12 GLU n 
1 13 ALA n 
1 14 THR n 
1 15 GLY n 
1 16 ASN n 
1 17 PHE n 
1 18 ILE n 
1 19 THR n 
1 20 VAL n 
1 21 MET n 
1 22 ASP n 
1 23 ALA n 
1 24 LEU n 
1 25 LYS n 
1 26 LEU n 
1 27 ASN n 
1 28 TYR n 
1 29 ASN n 
1 30 ALA n 
1 31 LYS n 
1 32 ASP n 
1 33 GLN n 
1 34 LEU n 
1 35 HIS n 
1 36 PRO n 
1 37 LEU n 
1 38 LEU n 
1 39 ALA n 
1 40 GLU n 
1 41 LEU n 
1 42 LEU n 
1 43 ILE n 
1 44 SER n 
1 45 ILE n 
1 46 ASN n 
1 47 ARG n 
1 48 VAL n 
1 49 THR n 
1 50 ARG n 
1 51 ASP n 
1 52 ASP n 
1 53 PHE n 
1 54 GLU n 
1 55 ASN n 
1 56 ARG n 
1 57 SER n 
1 58 LYS n 
1 59 LEU n 
1 60 ILE n 
1 61 ASP n 
1 62 TRP n 
1 63 ILE n 
1 64 VAL n 
1 65 ARG n 
1 66 ILE n 
1 67 ASN n 
1 68 LYS n 
1 69 LEU n 
1 70 SER n 
1 71 ILE n 
1 72 GLY n 
1 73 ASP n 
1 74 THR n 
1 75 LEU n 
1 76 THR n 
1 77 GLU n 
1 78 THR n 
1 79 GLN n 
1 80 ILE n 
1 81 ARG n 
1 82 GLU n 
1 83 LEU n 
1 84 LEU n 
1 85 PHE n 
1 86 ASP n 
1 87 LEU n 
1 88 GLU n 
1 89 LEU n 
1 90 ALA n 
1 91 TYR n 
1 92 LYS n 
1 93 SER n 
1 94 PHE n 
1 95 TYR n 
1 96 ALA n 
1 97 LEU n 
1 98 LEU n 
1 99 ASP n 
# 
_entity_src_gen.entity_id                          1 
_entity_src_gen.pdbx_src_id                        1 
_entity_src_gen.pdbx_alt_source_flag               sample 
_entity_src_gen.pdbx_seq_type                      ? 
_entity_src_gen.pdbx_beg_seq_num                   ? 
_entity_src_gen.pdbx_end_seq_num                   ? 
_entity_src_gen.gene_src_common_name               
;BAKER'S YEAST
;
_entity_src_gen.gene_src_genus                     ? 
_entity_src_gen.pdbx_gene_src_gene                 ? 
_entity_src_gen.gene_src_species                   ? 
_entity_src_gen.gene_src_strain                    ? 
_entity_src_gen.gene_src_tissue                    ? 
_entity_src_gen.gene_src_tissue_fraction           ? 
_entity_src_gen.gene_src_details                   ? 
_entity_src_gen.pdbx_gene_src_fragment             ? 
_entity_src_gen.pdbx_gene_src_scientific_name      'SACCHAROMYCES CEREVISIAE' 
_entity_src_gen.pdbx_gene_src_ncbi_taxonomy_id     4932 
_entity_src_gen.pdbx_gene_src_variant              ? 
_entity_src_gen.pdbx_gene_src_cell_line            ? 
_entity_src_gen.pdbx_gene_src_atcc                 ? 
_entity_src_gen.pdbx_gene_src_organ                ? 
_entity_src_gen.pdbx_gene_src_organelle            ? 
_entity_src_gen.pdbx_gene_src_cell                 ? 
_entity_src_gen.pdbx_gene_src_cellular_location    ? 
_entity_src_gen.host_org_common_name               ? 
_entity_src_gen.pdbx_host_org_scientific_name      'ESCHERICHIA COLI BL21(DE3)' 
_entity_src_gen.pdbx_host_org_ncbi_taxonomy_id     469008 
_entity_src_gen.host_org_genus                     ? 
_entity_src_gen.pdbx_host_org_gene                 ? 
_entity_src_gen.pdbx_host_org_organ                ? 
_entity_src_gen.host_org_species                   ? 
_entity_src_gen.pdbx_host_org_tissue               ? 
_entity_src_gen.pdbx_host_org_tissue_fraction      ? 
_entity_src_gen.pdbx_host_org_strain               ? 
_entity_src_gen.pdbx_host_org_variant              C41 
_entity_src_gen.pdbx_host_org_cell_line            ? 
_entity_src_gen.pdbx_host_org_atcc                 ? 
_entity_src_gen.pdbx_host_org_culture_collection   ? 
_entity_src_gen.pdbx_host_org_cell                 ? 
_entity_src_gen.pdbx_host_org_organelle            ? 
_entity_src_gen.pdbx_host_org_cellular_location    ? 
_entity_src_gen.pdbx_host_org_vector_type          ? 
_entity_src_gen.pdbx_host_org_vector               ? 
_entity_src_gen.host_org_details                   ? 
_entity_src_gen.expression_system_id               ? 
_entity_src_gen.plasmid_name                       POPC 
_entity_src_gen.plasmid_details                    ? 
_entity_src_gen.pdbx_description                   ? 
# 
loop_
_chem_comp.id 
_chem_comp.type 
_chem_comp.mon_nstd_flag 
_chem_comp.name 
_chem_comp.pdbx_synonyms 
_chem_comp.formula 
_chem_comp.formula_weight 
ALA 'L-peptide linking' y ALANINE         ? 'C3 H7 N O2'     89.093  
ARG 'L-peptide linking' y ARGININE        ? 'C6 H15 N4 O2 1' 175.209 
ASN 'L-peptide linking' y ASPARAGINE      ? 'C4 H8 N2 O3'    132.118 
ASP 'L-peptide linking' y 'ASPARTIC ACID' ? 'C4 H7 N O4'     133.103 
GLN 'L-peptide linking' y GLUTAMINE       ? 'C5 H10 N2 O3'   146.144 
GLU 'L-peptide linking' y 'GLUTAMIC ACID' ? 'C5 H9 N O4'     147.129 
GLY 'peptide linking'   y GLYCINE         ? 'C2 H5 N O2'     75.067  
HIS 'L-peptide linking' y HISTIDINE       ? 'C6 H10 N3 O2 1' 156.162 
HOH non-polymer         . WATER           ? 'H2 O'           18.015  
ILE 'L-peptide linking' y ISOLEUCINE      ? 'C6 H13 N O2'    131.173 
LEU 'L-peptide linking' y LEUCINE         ? 'C6 H13 N O2'    131.173 
LYS 'L-peptide linking' y LYSINE          ? 'C6 H15 N2 O2 1' 147.195 
MET 'L-peptide linking' y METHIONINE      ? 'C5 H11 N O2 S'  149.211 
PHE 'L-peptide linking' y PHENYLALANINE   ? 'C9 H11 N O2'    165.189 
PRO 'L-peptide linking' y PROLINE         ? 'C5 H9 N O2'     115.130 
SER 'L-peptide linking' y SERINE          ? 'C3 H7 N O3'     105.093 
THR 'L-peptide linking' y THREONINE       ? 'C4 H9 N O3'     119.119 
TRP 'L-peptide linking' y TRYPTOPHAN      ? 'C11 H12 N2 O2'  204.225 
TYR 'L-peptide linking' y TYROSINE        ? 'C9 H11 N O3'    181.189 
VAL 'L-peptide linking' y VALINE          ? 'C5 H11 N O2'    117.146 
# 
loop_
_pdbx_poly_seq_scheme.asym_id 
_pdbx_poly_seq_scheme.entity_id 
_pdbx_poly_seq_scheme.seq_id 
_pdbx_poly_seq_scheme.mon_id 
_pdbx_poly_seq_scheme.ndb_seq_num 
_pdbx_poly_seq_scheme.pdb_seq_num 
_pdbx_poly_seq_scheme.auth_seq_num 
_pdbx_poly_seq_scheme.pdb_mon_id 
_pdbx_poly_seq_scheme.auth_mon_id 
_pdbx_poly_seq_scheme.pdb_strand_id 
_pdbx_poly_seq_scheme.pdb_ins_code 
_pdbx_poly_seq_scheme.hetero 
A 1 1  HIS 1  144 144 HIS HIS A . n 
A 1 2  HIS 2  145 145 HIS HIS A . n 
A 1 3  HIS 3  146 146 HIS HIS A . n 
A 1 4  MET 4  147 147 MET MET A . n 
A 1 5  PHE 5  148 148 PHE PHE A . n 
A 1 6  ASN 6  149 149 ASN ASN A . n 
A 1 7  ALA 7  150 150 ALA ALA A . n 
A 1 8  LYS 8  151 151 LYS LYS A . n 
A 1 9  TYR 9  152 152 TYR TYR A . n 
A 1 10 VAL 10 153 153 VAL VAL A . n 
A 1 11 ALA 11 154 154 ALA ALA A . n 
A 1 12 GLU 12 155 155 GLU GLU A . n 
A 1 13 ALA 13 156 156 ALA ALA A . n 
A 1 14 THR 14 157 157 THR THR A . n 
A 1 15 GLY 15 158 158 GLY GLY A . n 
A 1 16 ASN 16 159 159 ASN ASN A . n 
A 1 17 PHE 17 160 160 PHE PHE A . n 
A 1 18 ILE 18 161 161 ILE ILE A . n 
A 1 19 THR 19 162 162 THR THR A . n 
A 1 20 VAL 20 163 163 VAL VAL A . n 
A 1 21 MET 21 164 164 MET MET A . n 
A 1 22 ASP 22 165 165 ASP ASP A . n 
A 1 23 ALA 23 166 166 ALA ALA A . n 
A 1 24 LEU 24 167 167 LEU LEU A . n 
A 1 25 LYS 25 168 168 LYS LYS A . n 
A 1 26 LEU 26 169 169 LEU LEU A . n 
A 1 27 ASN 27 170 170 ASN ASN A . n 
A 1 28 TYR 28 171 171 TYR TYR A . n 
A 1 29 ASN 29 172 172 ASN ASN A . n 
A 1 30 ALA 30 173 173 ALA ALA A . n 
A 1 31 LYS 31 174 174 LYS LYS A . n 
A 1 32 ASP 32 175 175 ASP ASP A . n 
A 1 33 GLN 33 176 176 GLN GLN A . n 
A 1 34 LEU 34 177 177 LEU LEU A . n 
A 1 35 HIS 35 178 178 HIS HIS A . n 
A 1 36 PRO 36 179 179 PRO PRO A . n 
A 1 37 LEU 37 180 180 LEU LEU A . n 
A 1 38 LEU 38 181 181 LEU LEU A . n 
A 1 39 ALA 39 182 182 ALA ALA A . n 
A 1 40 GLU 40 183 183 GLU GLU A . n 
A 1 41 LEU 41 184 184 LEU LEU A . n 
A 1 42 LEU 42 185 185 LEU LEU A . n 
A 1 43 ILE 43 186 186 ILE ILE A . n 
A 1 44 SER 44 187 187 SER SER A . n 
A 1 45 ILE 45 188 188 ILE ILE A . n 
A 1 46 ASN 46 189 189 ASN ASN A . n 
A 1 47 ARG 47 190 190 ARG ARG A . n 
A 1 48 VAL 48 191 191 VAL VAL A . n 
A 1 49 THR 49 192 192 THR THR A . n 
A 1 50 ARG 50 193 193 ARG ARG A . n 
A 1 51 ASP 51 194 194 ASP ASP A . n 
A 1 52 ASP 52 195 195 ASP ASP A . n 
A 1 53 PHE 53 196 196 PHE PHE A . n 
A 1 54 GLU 54 197 197 GLU GLU A . n 
A 1 55 ASN 55 198 198 ASN ASN A . n 
A 1 56 ARG 56 199 199 ARG ARG A . n 
A 1 57 SER 57 200 200 SER SER A . n 
A 1 58 LYS 58 201 201 LYS LYS A . n 
A 1 59 LEU 59 202 202 LEU LEU A . n 
A 1 60 ILE 60 203 203 ILE ILE A . n 
A 1 61 ASP 61 204 204 ASP ASP A . n 
A 1 62 TRP 62 205 205 TRP TRP A . n 
A 1 63 ILE 63 206 206 ILE ILE A . n 
A 1 64 VAL 64 207 207 VAL VAL A . n 
A 1 65 ARG 65 208 208 ARG ARG A . n 
A 1 66 ILE 66 209 209 ILE ILE A . n 
A 1 67 ASN 67 210 210 ASN ASN A . n 
A 1 68 LYS 68 211 211 LYS LYS A . n 
A 1 69 LEU 69 212 212 LEU LEU A . n 
A 1 70 SER 70 213 213 SER SER A . n 
A 1 71 ILE 71 214 214 ILE ILE A . n 
A 1 72 GLY 72 215 215 GLY GLY A . n 
A 1 73 ASP 73 216 216 ASP ASP A . n 
A 1 74 THR 74 217 217 THR THR A . n 
A 1 75 LEU 75 218 218 LEU LEU A . n 
A 1 76 THR 76 219 219 THR THR A . n 
A 1 77 GLU 77 220 220 GLU GLU A . n 
A 1 78 THR 78 221 221 THR THR A . n 
A 1 79 GLN 79 222 222 GLN GLN A . n 
A 1 80 ILE 80 223 223 ILE ILE A . n 
A 1 81 ARG 81 224 224 ARG ARG A . n 
A 1 82 GLU 82 225 225 GLU GLU A . n 
A 1 83 LEU 83 226 226 LEU LEU A . n 
A 1 84 LEU 84 227 227 LEU LEU A . n 
A 1 85 PHE 85 228 228 PHE PHE A . n 
A 1 86 ASP 86 229 229 ASP ASP A . n 
A 1 87 LEU 87 230 230 LEU LEU A . n 
A 1 88 GLU 88 231 231 GLU GLU A . n 
A 1 89 LEU 89 232 232 LEU LEU A . n 
A 1 90 ALA 90 233 233 ALA ALA A . n 
A 1 91 TYR 91 234 234 TYR TYR A . n 
A 1 92 LYS 92 235 235 LYS LYS A . n 
A 1 93 SER 93 236 236 SER SER A . n 
A 1 94 PHE 94 237 237 PHE PHE A . n 
A 1 95 TYR 95 238 238 TYR TYR A . n 
A 1 96 ALA 96 239 239 ALA ALA A . n 
A 1 97 LEU 97 240 240 LEU LEU A . n 
A 1 98 LEU 98 241 241 LEU LEU A . n 
A 1 99 ASP 99 242 242 ASP ASP A . n 
# 
loop_
_pdbx_nonpoly_scheme.asym_id 
_pdbx_nonpoly_scheme.entity_id 
_pdbx_nonpoly_scheme.mon_id 
_pdbx_nonpoly_scheme.ndb_seq_num 
_pdbx_nonpoly_scheme.pdb_seq_num 
_pdbx_nonpoly_scheme.auth_seq_num 
_pdbx_nonpoly_scheme.pdb_mon_id 
_pdbx_nonpoly_scheme.auth_mon_id 
_pdbx_nonpoly_scheme.pdb_strand_id 
_pdbx_nonpoly_scheme.pdb_ins_code 
B 2 HOH 1  2001 2001 HOH HOH A . 
B 2 HOH 2  2002 2002 HOH HOH A . 
B 2 HOH 3  2003 2003 HOH HOH A . 
B 2 HOH 4  2004 2004 HOH HOH A . 
B 2 HOH 5  2005 2005 HOH HOH A . 
B 2 HOH 6  2006 2006 HOH HOH A . 
B 2 HOH 7  2007 2007 HOH HOH A . 
B 2 HOH 8  2008 2008 HOH HOH A . 
B 2 HOH 9  2009 2009 HOH HOH A . 
B 2 HOH 10 2010 2010 HOH HOH A . 
B 2 HOH 11 2011 2011 HOH HOH A . 
B 2 HOH 12 2012 2012 HOH HOH A . 
B 2 HOH 13 2013 2013 HOH HOH A . 
B 2 HOH 14 2014 2014 HOH HOH A . 
B 2 HOH 15 2015 2015 HOH HOH A . 
B 2 HOH 16 2016 2016 HOH HOH A . 
B 2 HOH 17 2017 2017 HOH HOH A . 
B 2 HOH 18 2018 2018 HOH HOH A . 
B 2 HOH 19 2019 2019 HOH HOH A . 
B 2 HOH 20 2020 2020 HOH HOH A . 
B 2 HOH 21 2021 2021 HOH HOH A . 
B 2 HOH 22 2022 2022 HOH HOH A . 
B 2 HOH 23 2023 2023 HOH HOH A . 
B 2 HOH 24 2024 2024 HOH HOH A . 
B 2 HOH 25 2025 2025 HOH HOH A . 
B 2 HOH 26 2026 2026 HOH HOH A . 
B 2 HOH 27 2027 2027 HOH HOH A . 
B 2 HOH 28 2028 2028 HOH HOH A . 
B 2 HOH 29 2029 2029 HOH HOH A . 
B 2 HOH 30 2030 2030 HOH HOH A . 
B 2 HOH 31 2031 2031 HOH HOH A . 
B 2 HOH 32 2032 2032 HOH HOH A . 
B 2 HOH 33 2033 2033 HOH HOH A . 
B 2 HOH 34 2034 2034 HOH HOH A . 
B 2 HOH 35 2035 2035 HOH HOH A . 
B 2 HOH 36 2036 2036 HOH HOH A . 
B 2 HOH 37 2037 2037 HOH HOH A . 
B 2 HOH 38 2038 2038 HOH HOH A . 
B 2 HOH 39 2039 2039 HOH HOH A . 
B 2 HOH 40 2040 2040 HOH HOH A . 
B 2 HOH 41 2041 2041 HOH HOH A . 
B 2 HOH 42 2042 2042 HOH HOH A . 
B 2 HOH 43 2043 2043 HOH HOH A . 
B 2 HOH 44 2044 2044 HOH HOH A . 
B 2 HOH 45 2045 2045 HOH HOH A . 
B 2 HOH 46 2046 2046 HOH HOH A . 
B 2 HOH 47 2047 2047 HOH HOH A . 
B 2 HOH 48 2048 2048 HOH HOH A . 
B 2 HOH 49 2049 2049 HOH HOH A . 
# 
loop_
_software.name 
_software.classification 
_software.version 
_software.citation_id 
_software.pdbx_ordinal 
REFMAC refinement       5.2.0019 ? 1 
MOSFLM 'data reduction' .        ? 2 
SCALA  'data scaling'   .        ? 3 
PHASER phasing          .        ? 4 
# 
_cell.entry_id           2J9V 
_cell.length_a           44.690 
_cell.length_b           128.581 
_cell.length_c           50.276 
_cell.angle_alpha        90.00 
_cell.angle_beta         90.00 
_cell.angle_gamma        90.00 
_cell.Z_PDB              8 
_cell.pdbx_unique_axis   ? 
# 
_symmetry.entry_id                         2J9V 
_symmetry.space_group_name_H-M             'C 2 2 21' 
_symmetry.pdbx_full_space_group_name_H-M   ? 
_symmetry.cell_setting                     ? 
_symmetry.Int_Tables_number                20 
# 
_exptl.entry_id          2J9V 
_exptl.method            'X-RAY DIFFRACTION' 
_exptl.crystals_number   1 
# 
_exptl_crystal.id                    1 
_exptl_crystal.density_meas          ? 
_exptl_crystal.density_Matthews      2.1 
_exptl_crystal.density_percent_sol   41.7 
_exptl_crystal.description           ? 
# 
_exptl_crystal_grow.crystal_id      1 
_exptl_crystal_grow.method          ? 
_exptl_crystal_grow.temp            ? 
_exptl_crystal_grow.temp_details    ? 
_exptl_crystal_grow.pH              5.60 
_exptl_crystal_grow.pdbx_pH_range   ? 
_exptl_crystal_grow.pdbx_details    '4% PEG 400, 0.1M LITHIUM SULPHATE, 0.1M SODIUM CITRATE (PH5.6), pH 5.60' 
# 
_diffrn.id                     1 
_diffrn.ambient_temp           100.0 
_diffrn.ambient_temp_details   ? 
_diffrn.crystal_id             1 
# 
_diffrn_detector.diffrn_id              1 
_diffrn_detector.detector               CCD 
_diffrn_detector.type                   'ADSC CCD' 
_diffrn_detector.pdbx_collection_date   2006-03-12 
_diffrn_detector.details                'TORODIAL MIRROR' 
# 
_diffrn_radiation.diffrn_id                        1 
_diffrn_radiation.wavelength_id                    1 
_diffrn_radiation.pdbx_monochromatic_or_laue_m_l   M 
_diffrn_radiation.monochromator                    KHOZU 
_diffrn_radiation.pdbx_diffrn_protocol             'SINGLE WAVELENGTH' 
_diffrn_radiation.pdbx_scattering_type             x-ray 
# 
_diffrn_radiation_wavelength.id           1 
_diffrn_radiation_wavelength.wavelength   0.98 
_diffrn_radiation_wavelength.wt           1.0 
# 
_diffrn_source.diffrn_id                   1 
_diffrn_source.source                      SYNCHROTRON 
_diffrn_source.type                        'ESRF BEAMLINE ID14-4' 
_diffrn_source.pdbx_synchrotron_site       ESRF 
_diffrn_source.pdbx_synchrotron_beamline   ID14-4 
_diffrn_source.pdbx_wavelength             0.98 
_diffrn_source.pdbx_wavelength_list        ? 
# 
_reflns.pdbx_diffrn_id               1 
_reflns.pdbx_ordinal                 1 
_reflns.entry_id                     2J9V 
_reflns.observed_criterion_sigma_I   0.000 
_reflns.observed_criterion_sigma_F   ? 
_reflns.d_resolution_low             64.280 
_reflns.d_resolution_high            2.000 
_reflns.number_obs                   10123 
_reflns.number_all                   ? 
_reflns.percent_possible_obs         99.5 
_reflns.pdbx_Rmerge_I_obs            0.10000 
_reflns.pdbx_Rsym_value              ? 
_reflns.pdbx_netI_over_sigmaI        5.5200 
_reflns.B_iso_Wilson_estimate        ? 
_reflns.pdbx_redundancy              6.090 
# 
_reflns_shell.pdbx_diffrn_id         1 
_reflns_shell.pdbx_ordinal           1 
_reflns_shell.d_res_high             2.00 
_reflns_shell.d_res_low              2.11 
_reflns_shell.percent_possible_all   99.5 
_reflns_shell.Rmerge_I_obs           0.41000 
_reflns_shell.pdbx_Rsym_value        ? 
_reflns_shell.meanI_over_sigI_obs    1.810 
_reflns_shell.pdbx_redundancy        4.60 
# 
_refine.pdbx_refine_id                           'X-RAY DIFFRACTION' 
_refine.entry_id                                 2J9V 
_refine.pdbx_diffrn_id                           1 
_refine.pdbx_TLS_residual_ADP_flag               ? 
_refine.ls_number_reflns_obs                     9619 
_refine.ls_number_reflns_all                     ? 
_refine.pdbx_ls_sigma_I                          ? 
_refine.pdbx_ls_sigma_F                          ? 
_refine.pdbx_data_cutoff_high_absF               ? 
_refine.pdbx_data_cutoff_low_absF                ? 
_refine.pdbx_data_cutoff_high_rms_absF           ? 
_refine.ls_d_res_low                             42.22 
_refine.ls_d_res_high                            2.00 
_refine.ls_percent_reflns_obs                    99.4 
_refine.ls_R_factor_obs                          0.229 
_refine.ls_R_factor_all                          ? 
_refine.ls_R_factor_R_work                       0.228 
_refine.ls_R_factor_R_free                       0.255 
_refine.ls_R_factor_R_free_error                 ? 
_refine.ls_R_factor_R_free_error_details         ? 
_refine.ls_percent_reflns_R_free                 4.900 
_refine.ls_number_reflns_R_free                  491 
_refine.ls_number_parameters                     ? 
_refine.ls_number_restraints                     ? 
_refine.occupancy_min                            ? 
_refine.occupancy_max                            ? 
_refine.correlation_coeff_Fo_to_Fc               0.935 
_refine.correlation_coeff_Fo_to_Fc_free          0.922 
_refine.B_iso_mean                               29.67 
_refine.aniso_B[1][1]                            3.55000 
_refine.aniso_B[2][2]                            -2.07000 
_refine.aniso_B[3][3]                            -1.48000 
_refine.aniso_B[1][2]                            0.00000 
_refine.aniso_B[1][3]                            0.00000 
_refine.aniso_B[2][3]                            0.00000 
_refine.solvent_model_details                    MASK 
_refine.solvent_model_param_ksol                 ? 
_refine.solvent_model_param_bsol                 ? 
_refine.pdbx_solvent_vdw_probe_radii             1.40 
_refine.pdbx_solvent_ion_probe_radii             0.80 
_refine.pdbx_solvent_shrinkage_radii             0.80 
_refine.pdbx_ls_cross_valid_method               THROUGHOUT 
_refine.details                                  'HYDROGENS HAVE BEEN ADDED IN THE RIDING POSITIONS.' 
_refine.pdbx_starting_model                      'SE DATASET FROM SEMET SUBSTITUTED CRYSTAL OF DIFFERENT CRYSTAL FORM' 
_refine.pdbx_method_to_determine_struct          'MOLECULAR REPLACEMENT' 
_refine.pdbx_isotropic_thermal_model             ? 
_refine.pdbx_stereochemistry_target_values       'MAXIMUM LIKELIHOOD' 
_refine.pdbx_stereochem_target_val_spec_case     ? 
_refine.pdbx_R_Free_selection_details            RANDOM 
_refine.pdbx_overall_ESU_R                       0.175 
_refine.pdbx_overall_ESU_R_Free                  0.156 
_refine.overall_SU_ML                            0.125 
_refine.pdbx_overall_phase_error                 ? 
_refine.overall_SU_B                             4.530 
_refine.overall_SU_R_Cruickshank_DPI             ? 
_refine.pdbx_overall_SU_R_free_Cruickshank_DPI   ? 
_refine.pdbx_overall_SU_R_Blow_DPI               ? 
_refine.pdbx_overall_SU_R_free_Blow_DPI          ? 
# 
_refine_hist.pdbx_refine_id                   'X-RAY DIFFRACTION' 
_refine_hist.cycle_id                         LAST 
_refine_hist.pdbx_number_atoms_protein        816 
_refine_hist.pdbx_number_atoms_nucleic_acid   0 
_refine_hist.pdbx_number_atoms_ligand         0 
_refine_hist.number_atoms_solvent             49 
_refine_hist.number_atoms_total               865 
_refine_hist.d_res_high                       2.00 
_refine_hist.d_res_low                        42.22 
# 
loop_
_refine_ls_restr.type 
_refine_ls_restr.dev_ideal 
_refine_ls_restr.dev_ideal_target 
_refine_ls_restr.weight 
_refine_ls_restr.number 
_refine_ls_restr.pdbx_refine_id 
_refine_ls_restr.pdbx_restraint_function 
r_bond_refined_d             0.017  0.022  ? 837  'X-RAY DIFFRACTION' ? 
r_bond_other_d               ?      ?      ? ?    'X-RAY DIFFRACTION' ? 
r_angle_refined_deg          1.718  1.962  ? 1135 'X-RAY DIFFRACTION' ? 
r_angle_other_deg            ?      ?      ? ?    'X-RAY DIFFRACTION' ? 
r_dihedral_angle_1_deg       6.087  5.000  ? 100  'X-RAY DIFFRACTION' ? 
r_dihedral_angle_2_deg       36.391 24.286 ? 42   'X-RAY DIFFRACTION' ? 
r_dihedral_angle_3_deg       21.455 15.000 ? 154  'X-RAY DIFFRACTION' ? 
r_dihedral_angle_4_deg       25.916 15.000 ? 5    'X-RAY DIFFRACTION' ? 
r_chiral_restr               0.189  0.200  ? 133  'X-RAY DIFFRACTION' ? 
r_gen_planes_refined         0.007  0.020  ? 622  'X-RAY DIFFRACTION' ? 
r_gen_planes_other           ?      ?      ? ?    'X-RAY DIFFRACTION' ? 
r_nbd_refined                0.224  0.200  ? 375  'X-RAY DIFFRACTION' ? 
r_nbd_other                  ?      ?      ? ?    'X-RAY DIFFRACTION' ? 
r_nbtor_refined              0.312  0.200  ? 576  'X-RAY DIFFRACTION' ? 
r_nbtor_other                ?      ?      ? ?    'X-RAY DIFFRACTION' ? 
r_xyhbond_nbd_refined        0.210  0.200  ? 42   'X-RAY DIFFRACTION' ? 
r_xyhbond_nbd_other          ?      ?      ? ?    'X-RAY DIFFRACTION' ? 
r_metal_ion_refined          ?      ?      ? ?    'X-RAY DIFFRACTION' ? 
r_metal_ion_other            ?      ?      ? ?    'X-RAY DIFFRACTION' ? 
r_symmetry_vdw_refined       0.280  0.200  ? 32   'X-RAY DIFFRACTION' ? 
r_symmetry_vdw_other         ?      ?      ? ?    'X-RAY DIFFRACTION' ? 
r_symmetry_hbond_refined     0.174  0.200  ? 5    'X-RAY DIFFRACTION' ? 
r_symmetry_hbond_other       ?      ?      ? ?    'X-RAY DIFFRACTION' ? 
r_symmetry_metal_ion_refined ?      ?      ? ?    'X-RAY DIFFRACTION' ? 
r_symmetry_metal_ion_other   ?      ?      ? ?    'X-RAY DIFFRACTION' ? 
r_mcbond_it                  1.487  1.500  ? 517  'X-RAY DIFFRACTION' ? 
r_mcbond_other               ?      ?      ? ?    'X-RAY DIFFRACTION' ? 
r_mcangle_it                 1.796  2.000  ? 804  'X-RAY DIFFRACTION' ? 
r_mcangle_other              ?      ?      ? ?    'X-RAY DIFFRACTION' ? 
r_scbond_it                  3.217  3.000  ? 370  'X-RAY DIFFRACTION' ? 
r_scbond_other               ?      ?      ? ?    'X-RAY DIFFRACTION' ? 
r_scangle_it                 4.803  4.500  ? 330  'X-RAY DIFFRACTION' ? 
r_scangle_other              ?      ?      ? ?    'X-RAY DIFFRACTION' ? 
r_long_range_B_refined       ?      ?      ? ?    'X-RAY DIFFRACTION' ? 
r_long_range_B_other         ?      ?      ? ?    'X-RAY DIFFRACTION' ? 
r_rigid_bond_restr           ?      ?      ? ?    'X-RAY DIFFRACTION' ? 
r_sphericity_free            ?      ?      ? ?    'X-RAY DIFFRACTION' ? 
r_sphericity_bonded          ?      ?      ? ?    'X-RAY DIFFRACTION' ? 
# 
_refine_ls_shell.pdbx_refine_id                   'X-RAY DIFFRACTION' 
_refine_ls_shell.pdbx_total_number_of_bins_used   20 
_refine_ls_shell.d_res_high                       2.00 
_refine_ls_shell.d_res_low                        2.05 
_refine_ls_shell.number_reflns_R_work             694 
_refine_ls_shell.R_factor_R_work                  0.2810 
_refine_ls_shell.percent_reflns_obs               ? 
_refine_ls_shell.R_factor_R_free                  0.3030 
_refine_ls_shell.R_factor_R_free_error            ? 
_refine_ls_shell.percent_reflns_R_free            ? 
_refine_ls_shell.number_reflns_R_free             33 
_refine_ls_shell.number_reflns_all                ? 
_refine_ls_shell.R_factor_all                     ? 
# 
_struct.entry_id                  2J9V 
_struct.title                     '2 Angstrom X-ray structure of the yeast ESCRT-I Vps28 C-terminus' 
_struct.pdbx_model_details        ? 
_struct.pdbx_CASP_flag            ? 
_struct.pdbx_model_type_details   ? 
# 
_struct_keywords.entry_id        2J9V 
_struct_keywords.pdbx_keywords   'PROTEIN TRANSPORT' 
_struct_keywords.text            'NZF FINGER, HIV BUDDING, PROTEIN TRANSPORT, VPS, MVB, CHMP, ESCRT, VPS36, VPS28, TRANSPORT' 
# 
loop_
_struct_asym.id 
_struct_asym.pdbx_blank_PDB_chainid_flag 
_struct_asym.pdbx_modified 
_struct_asym.entity_id 
_struct_asym.details 
A N N 1 ? 
B N N 2 ? 
# 
loop_
_struct_ref.id 
_struct_ref.db_name 
_struct_ref.db_code 
_struct_ref.entity_id 
_struct_ref.pdbx_seq_one_letter_code 
_struct_ref.pdbx_align_begin 
_struct_ref.pdbx_db_accession 
_struct_ref.pdbx_db_isoform 
1 PDB 2J9V        1 ? ? 2J9V   ? 
2 UNP VPS28_YEAST 1 ? ? Q02767 ? 
# 
loop_
_struct_ref_seq.align_id 
_struct_ref_seq.ref_id 
_struct_ref_seq.pdbx_PDB_id_code 
_struct_ref_seq.pdbx_strand_id 
_struct_ref_seq.seq_align_beg 
_struct_ref_seq.pdbx_seq_align_beg_ins_code 
_struct_ref_seq.seq_align_end 
_struct_ref_seq.pdbx_seq_align_end_ins_code 
_struct_ref_seq.pdbx_db_accession 
_struct_ref_seq.db_align_beg 
_struct_ref_seq.pdbx_db_align_beg_ins_code 
_struct_ref_seq.db_align_end 
_struct_ref_seq.pdbx_db_align_end_ins_code 
_struct_ref_seq.pdbx_auth_seq_align_beg 
_struct_ref_seq.pdbx_auth_seq_align_end 
1 1 2J9V A 1 ? 4  ? 2J9V   144 ? 147 ? 144 147 
2 2 2J9V A 5 ? 99 ? Q02767 148 ? 242 ? 148 242 
# 
_pdbx_struct_assembly.id                   1 
_pdbx_struct_assembly.details              author_and_software_defined_assembly 
_pdbx_struct_assembly.method_details       PQS 
_pdbx_struct_assembly.oligomeric_details   monomeric 
_pdbx_struct_assembly.oligomeric_count     1 
# 
_pdbx_struct_assembly_gen.assembly_id       1 
_pdbx_struct_assembly_gen.oper_expression   1 
_pdbx_struct_assembly_gen.asym_id_list      A,B 
# 
_pdbx_struct_oper_list.id                   1 
_pdbx_struct_oper_list.type                 'identity operation' 
_pdbx_struct_oper_list.name                 1_555 
_pdbx_struct_oper_list.symmetry_operation   x,y,z 
_pdbx_struct_oper_list.matrix[1][1]         1.0000000000 
_pdbx_struct_oper_list.matrix[1][2]         0.0000000000 
_pdbx_struct_oper_list.matrix[1][3]         0.0000000000 
_pdbx_struct_oper_list.vector[1]            0.0000000000 
_pdbx_struct_oper_list.matrix[2][1]         0.0000000000 
_pdbx_struct_oper_list.matrix[2][2]         1.0000000000 
_pdbx_struct_oper_list.matrix[2][3]         0.0000000000 
_pdbx_struct_oper_list.vector[2]            0.0000000000 
_pdbx_struct_oper_list.matrix[3][1]         0.0000000000 
_pdbx_struct_oper_list.matrix[3][2]         0.0000000000 
_pdbx_struct_oper_list.matrix[3][3]         1.0000000000 
_pdbx_struct_oper_list.vector[3]            0.0000000000 
# 
_struct_biol.id   1 
# 
loop_
_struct_conf.conf_type_id 
_struct_conf.id 
_struct_conf.pdbx_PDB_helix_id 
_struct_conf.beg_label_comp_id 
_struct_conf.beg_label_asym_id 
_struct_conf.beg_label_seq_id 
_struct_conf.pdbx_beg_PDB_ins_code 
_struct_conf.end_label_comp_id 
_struct_conf.end_label_asym_id 
_struct_conf.end_label_seq_id 
_struct_conf.pdbx_end_PDB_ins_code 
_struct_conf.beg_auth_comp_id 
_struct_conf.beg_auth_asym_id 
_struct_conf.beg_auth_seq_id 
_struct_conf.end_auth_comp_id 
_struct_conf.end_auth_asym_id 
_struct_conf.end_auth_seq_id 
_struct_conf.pdbx_PDB_helix_class 
_struct_conf.details 
_struct_conf.pdbx_PDB_helix_length 
HELX_P HELX_P1 1 ASN A 6  ? LEU A 26 ? ASN A 149 LEU A 169 1 ? 21 
HELX_P HELX_P2 2 ALA A 30 ? THR A 49 ? ALA A 173 THR A 192 1 ? 20 
HELX_P HELX_P3 3 ASN A 55 ? LEU A 69 ? ASN A 198 LEU A 212 1 ? 15 
HELX_P HELX_P4 4 THR A 76 ? LEU A 98 ? THR A 219 LEU A 241 1 ? 23 
# 
_struct_conf_type.id          HELX_P 
_struct_conf_type.criteria    ? 
_struct_conf_type.reference   ? 
# 
_pdbx_validate_torsion.id              1 
_pdbx_validate_torsion.PDB_model_num   1 
_pdbx_validate_torsion.auth_comp_id    ASN 
_pdbx_validate_torsion.auth_asym_id    A 
_pdbx_validate_torsion.auth_seq_id     198 
_pdbx_validate_torsion.PDB_ins_code    ? 
_pdbx_validate_torsion.label_alt_id    ? 
_pdbx_validate_torsion.phi             81.91 
_pdbx_validate_torsion.psi             -7.30 
# 
_pdbx_distant_solvent_atoms.id                                1 
_pdbx_distant_solvent_atoms.PDB_model_num                     1 
_pdbx_distant_solvent_atoms.auth_atom_id                      O 
_pdbx_distant_solvent_atoms.label_alt_id                      ? 
_pdbx_distant_solvent_atoms.auth_asym_id                      A 
_pdbx_distant_solvent_atoms.auth_comp_id                      HOH 
_pdbx_distant_solvent_atoms.auth_seq_id                       2023 
_pdbx_distant_solvent_atoms.PDB_ins_code                      ? 
_pdbx_distant_solvent_atoms.neighbor_macromolecule_distance   5.86 
_pdbx_distant_solvent_atoms.neighbor_ligand_distance          . 
# 
loop_
_chem_comp_atom.comp_id 
_chem_comp_atom.atom_id 
_chem_comp_atom.type_symbol 
_chem_comp_atom.pdbx_aromatic_flag 
_chem_comp_atom.pdbx_stereo_config 
_chem_comp_atom.pdbx_ordinal 
ALA N    N N N 1   
ALA CA   C N S 2   
ALA C    C N N 3   
ALA O    O N N 4   
ALA CB   C N N 5   
ALA OXT  O N N 6   
ALA H    H N N 7   
ALA H2   H N N 8   
ALA HA   H N N 9   
ALA HB1  H N N 10  
ALA HB2  H N N 11  
ALA HB3  H N N 12  
ALA HXT  H N N 13  
ARG N    N N N 14  
ARG CA   C N S 15  
ARG C    C N N 16  
ARG O    O N N 17  
ARG CB   C N N 18  
ARG CG   C N N 19  
ARG CD   C N N 20  
ARG NE   N N N 21  
ARG CZ   C N N 22  
ARG NH1  N N N 23  
ARG NH2  N N N 24  
ARG OXT  O N N 25  
ARG H    H N N 26  
ARG H2   H N N 27  
ARG HA   H N N 28  
ARG HB2  H N N 29  
ARG HB3  H N N 30  
ARG HG2  H N N 31  
ARG HG3  H N N 32  
ARG HD2  H N N 33  
ARG HD3  H N N 34  
ARG HE   H N N 35  
ARG HH11 H N N 36  
ARG HH12 H N N 37  
ARG HH21 H N N 38  
ARG HH22 H N N 39  
ARG HXT  H N N 40  
ASN N    N N N 41  
ASN CA   C N S 42  
ASN C    C N N 43  
ASN O    O N N 44  
ASN CB   C N N 45  
ASN CG   C N N 46  
ASN OD1  O N N 47  
ASN ND2  N N N 48  
ASN OXT  O N N 49  
ASN H    H N N 50  
ASN H2   H N N 51  
ASN HA   H N N 52  
ASN HB2  H N N 53  
ASN HB3  H N N 54  
ASN HD21 H N N 55  
ASN HD22 H N N 56  
ASN HXT  H N N 57  
ASP N    N N N 58  
ASP CA   C N S 59  
ASP C    C N N 60  
ASP O    O N N 61  
ASP CB   C N N 62  
ASP CG   C N N 63  
ASP OD1  O N N 64  
ASP OD2  O N N 65  
ASP OXT  O N N 66  
ASP H    H N N 67  
ASP H2   H N N 68  
ASP HA   H N N 69  
ASP HB2  H N N 70  
ASP HB3  H N N 71  
ASP HD2  H N N 72  
ASP HXT  H N N 73  
GLN N    N N N 74  
GLN CA   C N S 75  
GLN C    C N N 76  
GLN O    O N N 77  
GLN CB   C N N 78  
GLN CG   C N N 79  
GLN CD   C N N 80  
GLN OE1  O N N 81  
GLN NE2  N N N 82  
GLN OXT  O N N 83  
GLN H    H N N 84  
GLN H2   H N N 85  
GLN HA   H N N 86  
GLN HB2  H N N 87  
GLN HB3  H N N 88  
GLN HG2  H N N 89  
GLN HG3  H N N 90  
GLN HE21 H N N 91  
GLN HE22 H N N 92  
GLN HXT  H N N 93  
GLU N    N N N 94  
GLU CA   C N S 95  
GLU C    C N N 96  
GLU O    O N N 97  
GLU CB   C N N 98  
GLU CG   C N N 99  
GLU CD   C N N 100 
GLU OE1  O N N 101 
GLU OE2  O N N 102 
GLU OXT  O N N 103 
GLU H    H N N 104 
GLU H2   H N N 105 
GLU HA   H N N 106 
GLU HB2  H N N 107 
GLU HB3  H N N 108 
GLU HG2  H N N 109 
GLU HG3  H N N 110 
GLU HE2  H N N 111 
GLU HXT  H N N 112 
GLY N    N N N 113 
GLY CA   C N N 114 
GLY C    C N N 115 
GLY O    O N N 116 
GLY OXT  O N N 117 
GLY H    H N N 118 
GLY H2   H N N 119 
GLY HA2  H N N 120 
GLY HA3  H N N 121 
GLY HXT  H N N 122 
HIS N    N N N 123 
HIS CA   C N S 124 
HIS C    C N N 125 
HIS O    O N N 126 
HIS CB   C N N 127 
HIS CG   C Y N 128 
HIS ND1  N Y N 129 
HIS CD2  C Y N 130 
HIS CE1  C Y N 131 
HIS NE2  N Y N 132 
HIS OXT  O N N 133 
HIS H    H N N 134 
HIS H2   H N N 135 
HIS HA   H N N 136 
HIS HB2  H N N 137 
HIS HB3  H N N 138 
HIS HD1  H N N 139 
HIS HD2  H N N 140 
HIS HE1  H N N 141 
HIS HE2  H N N 142 
HIS HXT  H N N 143 
HOH O    O N N 144 
HOH H1   H N N 145 
HOH H2   H N N 146 
ILE N    N N N 147 
ILE CA   C N S 148 
ILE C    C N N 149 
ILE O    O N N 150 
ILE CB   C N S 151 
ILE CG1  C N N 152 
ILE CG2  C N N 153 
ILE CD1  C N N 154 
ILE OXT  O N N 155 
ILE H    H N N 156 
ILE H2   H N N 157 
ILE HA   H N N 158 
ILE HB   H N N 159 
ILE HG12 H N N 160 
ILE HG13 H N N 161 
ILE HG21 H N N 162 
ILE HG22 H N N 163 
ILE HG23 H N N 164 
ILE HD11 H N N 165 
ILE HD12 H N N 166 
ILE HD13 H N N 167 
ILE HXT  H N N 168 
LEU N    N N N 169 
LEU CA   C N S 170 
LEU C    C N N 171 
LEU O    O N N 172 
LEU CB   C N N 173 
LEU CG   C N N 174 
LEU CD1  C N N 175 
LEU CD2  C N N 176 
LEU OXT  O N N 177 
LEU H    H N N 178 
LEU H2   H N N 179 
LEU HA   H N N 180 
LEU HB2  H N N 181 
LEU HB3  H N N 182 
LEU HG   H N N 183 
LEU HD11 H N N 184 
LEU HD12 H N N 185 
LEU HD13 H N N 186 
LEU HD21 H N N 187 
LEU HD22 H N N 188 
LEU HD23 H N N 189 
LEU HXT  H N N 190 
LYS N    N N N 191 
LYS CA   C N S 192 
LYS C    C N N 193 
LYS O    O N N 194 
LYS CB   C N N 195 
LYS CG   C N N 196 
LYS CD   C N N 197 
LYS CE   C N N 198 
LYS NZ   N N N 199 
LYS OXT  O N N 200 
LYS H    H N N 201 
LYS H2   H N N 202 
LYS HA   H N N 203 
LYS HB2  H N N 204 
LYS HB3  H N N 205 
LYS HG2  H N N 206 
LYS HG3  H N N 207 
LYS HD2  H N N 208 
LYS HD3  H N N 209 
LYS HE2  H N N 210 
LYS HE3  H N N 211 
LYS HZ1  H N N 212 
LYS HZ2  H N N 213 
LYS HZ3  H N N 214 
LYS HXT  H N N 215 
MET N    N N N 216 
MET CA   C N S 217 
MET C    C N N 218 
MET O    O N N 219 
MET CB   C N N 220 
MET CG   C N N 221 
MET SD   S N N 222 
MET CE   C N N 223 
MET OXT  O N N 224 
MET H    H N N 225 
MET H2   H N N 226 
MET HA   H N N 227 
MET HB2  H N N 228 
MET HB3  H N N 229 
MET HG2  H N N 230 
MET HG3  H N N 231 
MET HE1  H N N 232 
MET HE2  H N N 233 
MET HE3  H N N 234 
MET HXT  H N N 235 
PHE N    N N N 236 
PHE CA   C N S 237 
PHE C    C N N 238 
PHE O    O N N 239 
PHE CB   C N N 240 
PHE CG   C Y N 241 
PHE CD1  C Y N 242 
PHE CD2  C Y N 243 
PHE CE1  C Y N 244 
PHE CE2  C Y N 245 
PHE CZ   C Y N 246 
PHE OXT  O N N 247 
PHE H    H N N 248 
PHE H2   H N N 249 
PHE HA   H N N 250 
PHE HB2  H N N 251 
PHE HB3  H N N 252 
PHE HD1  H N N 253 
PHE HD2  H N N 254 
PHE HE1  H N N 255 
PHE HE2  H N N 256 
PHE HZ   H N N 257 
PHE HXT  H N N 258 
PRO N    N N N 259 
PRO CA   C N S 260 
PRO C    C N N 261 
PRO O    O N N 262 
PRO CB   C N N 263 
PRO CG   C N N 264 
PRO CD   C N N 265 
PRO OXT  O N N 266 
PRO H    H N N 267 
PRO HA   H N N 268 
PRO HB2  H N N 269 
PRO HB3  H N N 270 
PRO HG2  H N N 271 
PRO HG3  H N N 272 
PRO HD2  H N N 273 
PRO HD3  H N N 274 
PRO HXT  H N N 275 
SER N    N N N 276 
SER CA   C N S 277 
SER C    C N N 278 
SER O    O N N 279 
SER CB   C N N 280 
SER OG   O N N 281 
SER OXT  O N N 282 
SER H    H N N 283 
SER H2   H N N 284 
SER HA   H N N 285 
SER HB2  H N N 286 
SER HB3  H N N 287 
SER HG   H N N 288 
SER HXT  H N N 289 
THR N    N N N 290 
THR CA   C N S 291 
THR C    C N N 292 
THR O    O N N 293 
THR CB   C N R 294 
THR OG1  O N N 295 
THR CG2  C N N 296 
THR OXT  O N N 297 
THR H    H N N 298 
THR H2   H N N 299 
THR HA   H N N 300 
THR HB   H N N 301 
THR HG1  H N N 302 
THR HG21 H N N 303 
THR HG22 H N N 304 
THR HG23 H N N 305 
THR HXT  H N N 306 
TRP N    N N N 307 
TRP CA   C N S 308 
TRP C    C N N 309 
TRP O    O N N 310 
TRP CB   C N N 311 
TRP CG   C Y N 312 
TRP CD1  C Y N 313 
TRP CD2  C Y N 314 
TRP NE1  N Y N 315 
TRP CE2  C Y N 316 
TRP CE3  C Y N 317 
TRP CZ2  C Y N 318 
TRP CZ3  C Y N 319 
TRP CH2  C Y N 320 
TRP OXT  O N N 321 
TRP H    H N N 322 
TRP H2   H N N 323 
TRP HA   H N N 324 
TRP HB2  H N N 325 
TRP HB3  H N N 326 
TRP HD1  H N N 327 
TRP HE1  H N N 328 
TRP HE3  H N N 329 
TRP HZ2  H N N 330 
TRP HZ3  H N N 331 
TRP HH2  H N N 332 
TRP HXT  H N N 333 
TYR N    N N N 334 
TYR CA   C N S 335 
TYR C    C N N 336 
TYR O    O N N 337 
TYR CB   C N N 338 
TYR CG   C Y N 339 
TYR CD1  C Y N 340 
TYR CD2  C Y N 341 
TYR CE1  C Y N 342 
TYR CE2  C Y N 343 
TYR CZ   C Y N 344 
TYR OH   O N N 345 
TYR OXT  O N N 346 
TYR H    H N N 347 
TYR H2   H N N 348 
TYR HA   H N N 349 
TYR HB2  H N N 350 
TYR HB3  H N N 351 
TYR HD1  H N N 352 
TYR HD2  H N N 353 
TYR HE1  H N N 354 
TYR HE2  H N N 355 
TYR HH   H N N 356 
TYR HXT  H N N 357 
VAL N    N N N 358 
VAL CA   C N S 359 
VAL C    C N N 360 
VAL O    O N N 361 
VAL CB   C N N 362 
VAL CG1  C N N 363 
VAL CG2  C N N 364 
VAL OXT  O N N 365 
VAL H    H N N 366 
VAL H2   H N N 367 
VAL HA   H N N 368 
VAL HB   H N N 369 
VAL HG11 H N N 370 
VAL HG12 H N N 371 
VAL HG13 H N N 372 
VAL HG21 H N N 373 
VAL HG22 H N N 374 
VAL HG23 H N N 375 
VAL HXT  H N N 376 
# 
loop_
_chem_comp_bond.comp_id 
_chem_comp_bond.atom_id_1 
_chem_comp_bond.atom_id_2 
_chem_comp_bond.value_order 
_chem_comp_bond.pdbx_aromatic_flag 
_chem_comp_bond.pdbx_stereo_config 
_chem_comp_bond.pdbx_ordinal 
ALA N   CA   sing N N 1   
ALA N   H    sing N N 2   
ALA N   H2   sing N N 3   
ALA CA  C    sing N N 4   
ALA CA  CB   sing N N 5   
ALA CA  HA   sing N N 6   
ALA C   O    doub N N 7   
ALA C   OXT  sing N N 8   
ALA CB  HB1  sing N N 9   
ALA CB  HB2  sing N N 10  
ALA CB  HB3  sing N N 11  
ALA OXT HXT  sing N N 12  
ARG N   CA   sing N N 13  
ARG N   H    sing N N 14  
ARG N   H2   sing N N 15  
ARG CA  C    sing N N 16  
ARG CA  CB   sing N N 17  
ARG CA  HA   sing N N 18  
ARG C   O    doub N N 19  
ARG C   OXT  sing N N 20  
ARG CB  CG   sing N N 21  
ARG CB  HB2  sing N N 22  
ARG CB  HB3  sing N N 23  
ARG CG  CD   sing N N 24  
ARG CG  HG2  sing N N 25  
ARG CG  HG3  sing N N 26  
ARG CD  NE   sing N N 27  
ARG CD  HD2  sing N N 28  
ARG CD  HD3  sing N N 29  
ARG NE  CZ   sing N N 30  
ARG NE  HE   sing N N 31  
ARG CZ  NH1  sing N N 32  
ARG CZ  NH2  doub N N 33  
ARG NH1 HH11 sing N N 34  
ARG NH1 HH12 sing N N 35  
ARG NH2 HH21 sing N N 36  
ARG NH2 HH22 sing N N 37  
ARG OXT HXT  sing N N 38  
ASN N   CA   sing N N 39  
ASN N   H    sing N N 40  
ASN N   H2   sing N N 41  
ASN CA  C    sing N N 42  
ASN CA  CB   sing N N 43  
ASN CA  HA   sing N N 44  
ASN C   O    doub N N 45  
ASN C   OXT  sing N N 46  
ASN CB  CG   sing N N 47  
ASN CB  HB2  sing N N 48  
ASN CB  HB3  sing N N 49  
ASN CG  OD1  doub N N 50  
ASN CG  ND2  sing N N 51  
ASN ND2 HD21 sing N N 52  
ASN ND2 HD22 sing N N 53  
ASN OXT HXT  sing N N 54  
ASP N   CA   sing N N 55  
ASP N   H    sing N N 56  
ASP N   H2   sing N N 57  
ASP CA  C    sing N N 58  
ASP CA  CB   sing N N 59  
ASP CA  HA   sing N N 60  
ASP C   O    doub N N 61  
ASP C   OXT  sing N N 62  
ASP CB  CG   sing N N 63  
ASP CB  HB2  sing N N 64  
ASP CB  HB3  sing N N 65  
ASP CG  OD1  doub N N 66  
ASP CG  OD2  sing N N 67  
ASP OD2 HD2  sing N N 68  
ASP OXT HXT  sing N N 69  
GLN N   CA   sing N N 70  
GLN N   H    sing N N 71  
GLN N   H2   sing N N 72  
GLN CA  C    sing N N 73  
GLN CA  CB   sing N N 74  
GLN CA  HA   sing N N 75  
GLN C   O    doub N N 76  
GLN C   OXT  sing N N 77  
GLN CB  CG   sing N N 78  
GLN CB  HB2  sing N N 79  
GLN CB  HB3  sing N N 80  
GLN CG  CD   sing N N 81  
GLN CG  HG2  sing N N 82  
GLN CG  HG3  sing N N 83  
GLN CD  OE1  doub N N 84  
GLN CD  NE2  sing N N 85  
GLN NE2 HE21 sing N N 86  
GLN NE2 HE22 sing N N 87  
GLN OXT HXT  sing N N 88  
GLU N   CA   sing N N 89  
GLU N   H    sing N N 90  
GLU N   H2   sing N N 91  
GLU CA  C    sing N N 92  
GLU CA  CB   sing N N 93  
GLU CA  HA   sing N N 94  
GLU C   O    doub N N 95  
GLU C   OXT  sing N N 96  
GLU CB  CG   sing N N 97  
GLU CB  HB2  sing N N 98  
GLU CB  HB3  sing N N 99  
GLU CG  CD   sing N N 100 
GLU CG  HG2  sing N N 101 
GLU CG  HG3  sing N N 102 
GLU CD  OE1  doub N N 103 
GLU CD  OE2  sing N N 104 
GLU OE2 HE2  sing N N 105 
GLU OXT HXT  sing N N 106 
GLY N   CA   sing N N 107 
GLY N   H    sing N N 108 
GLY N   H2   sing N N 109 
GLY CA  C    sing N N 110 
GLY CA  HA2  sing N N 111 
GLY CA  HA3  sing N N 112 
GLY C   O    doub N N 113 
GLY C   OXT  sing N N 114 
GLY OXT HXT  sing N N 115 
HIS N   CA   sing N N 116 
HIS N   H    sing N N 117 
HIS N   H2   sing N N 118 
HIS CA  C    sing N N 119 
HIS CA  CB   sing N N 120 
HIS CA  HA   sing N N 121 
HIS C   O    doub N N 122 
HIS C   OXT  sing N N 123 
HIS CB  CG   sing N N 124 
HIS CB  HB2  sing N N 125 
HIS CB  HB3  sing N N 126 
HIS CG  ND1  sing Y N 127 
HIS CG  CD2  doub Y N 128 
HIS ND1 CE1  doub Y N 129 
HIS ND1 HD1  sing N N 130 
HIS CD2 NE2  sing Y N 131 
HIS CD2 HD2  sing N N 132 
HIS CE1 NE2  sing Y N 133 
HIS CE1 HE1  sing N N 134 
HIS NE2 HE2  sing N N 135 
HIS OXT HXT  sing N N 136 
HOH O   H1   sing N N 137 
HOH O   H2   sing N N 138 
ILE N   CA   sing N N 139 
ILE N   H    sing N N 140 
ILE N   H2   sing N N 141 
ILE CA  C    sing N N 142 
ILE CA  CB   sing N N 143 
ILE CA  HA   sing N N 144 
ILE C   O    doub N N 145 
ILE C   OXT  sing N N 146 
ILE CB  CG1  sing N N 147 
ILE CB  CG2  sing N N 148 
ILE CB  HB   sing N N 149 
ILE CG1 CD1  sing N N 150 
ILE CG1 HG12 sing N N 151 
ILE CG1 HG13 sing N N 152 
ILE CG2 HG21 sing N N 153 
ILE CG2 HG22 sing N N 154 
ILE CG2 HG23 sing N N 155 
ILE CD1 HD11 sing N N 156 
ILE CD1 HD12 sing N N 157 
ILE CD1 HD13 sing N N 158 
ILE OXT HXT  sing N N 159 
LEU N   CA   sing N N 160 
LEU N   H    sing N N 161 
LEU N   H2   sing N N 162 
LEU CA  C    sing N N 163 
LEU CA  CB   sing N N 164 
LEU CA  HA   sing N N 165 
LEU C   O    doub N N 166 
LEU C   OXT  sing N N 167 
LEU CB  CG   sing N N 168 
LEU CB  HB2  sing N N 169 
LEU CB  HB3  sing N N 170 
LEU CG  CD1  sing N N 171 
LEU CG  CD2  sing N N 172 
LEU CG  HG   sing N N 173 
LEU CD1 HD11 sing N N 174 
LEU CD1 HD12 sing N N 175 
LEU CD1 HD13 sing N N 176 
LEU CD2 HD21 sing N N 177 
LEU CD2 HD22 sing N N 178 
LEU CD2 HD23 sing N N 179 
LEU OXT HXT  sing N N 180 
LYS N   CA   sing N N 181 
LYS N   H    sing N N 182 
LYS N   H2   sing N N 183 
LYS CA  C    sing N N 184 
LYS CA  CB   sing N N 185 
LYS CA  HA   sing N N 186 
LYS C   O    doub N N 187 
LYS C   OXT  sing N N 188 
LYS CB  CG   sing N N 189 
LYS CB  HB2  sing N N 190 
LYS CB  HB3  sing N N 191 
LYS CG  CD   sing N N 192 
LYS CG  HG2  sing N N 193 
LYS CG  HG3  sing N N 194 
LYS CD  CE   sing N N 195 
LYS CD  HD2  sing N N 196 
LYS CD  HD3  sing N N 197 
LYS CE  NZ   sing N N 198 
LYS CE  HE2  sing N N 199 
LYS CE  HE3  sing N N 200 
LYS NZ  HZ1  sing N N 201 
LYS NZ  HZ2  sing N N 202 
LYS NZ  HZ3  sing N N 203 
LYS OXT HXT  sing N N 204 
MET N   CA   sing N N 205 
MET N   H    sing N N 206 
MET N   H2   sing N N 207 
MET CA  C    sing N N 208 
MET CA  CB   sing N N 209 
MET CA  HA   sing N N 210 
MET C   O    doub N N 211 
MET C   OXT  sing N N 212 
MET CB  CG   sing N N 213 
MET CB  HB2  sing N N 214 
MET CB  HB3  sing N N 215 
MET CG  SD   sing N N 216 
MET CG  HG2  sing N N 217 
MET CG  HG3  sing N N 218 
MET SD  CE   sing N N 219 
MET CE  HE1  sing N N 220 
MET CE  HE2  sing N N 221 
MET CE  HE3  sing N N 222 
MET OXT HXT  sing N N 223 
PHE N   CA   sing N N 224 
PHE N   H    sing N N 225 
PHE N   H2   sing N N 226 
PHE CA  C    sing N N 227 
PHE CA  CB   sing N N 228 
PHE CA  HA   sing N N 229 
PHE C   O    doub N N 230 
PHE C   OXT  sing N N 231 
PHE CB  CG   sing N N 232 
PHE CB  HB2  sing N N 233 
PHE CB  HB3  sing N N 234 
PHE CG  CD1  doub Y N 235 
PHE CG  CD2  sing Y N 236 
PHE CD1 CE1  sing Y N 237 
PHE CD1 HD1  sing N N 238 
PHE CD2 CE2  doub Y N 239 
PHE CD2 HD2  sing N N 240 
PHE CE1 CZ   doub Y N 241 
PHE CE1 HE1  sing N N 242 
PHE CE2 CZ   sing Y N 243 
PHE CE2 HE2  sing N N 244 
PHE CZ  HZ   sing N N 245 
PHE OXT HXT  sing N N 246 
PRO N   CA   sing N N 247 
PRO N   CD   sing N N 248 
PRO N   H    sing N N 249 
PRO CA  C    sing N N 250 
PRO CA  CB   sing N N 251 
PRO CA  HA   sing N N 252 
PRO C   O    doub N N 253 
PRO C   OXT  sing N N 254 
PRO CB  CG   sing N N 255 
PRO CB  HB2  sing N N 256 
PRO CB  HB3  sing N N 257 
PRO CG  CD   sing N N 258 
PRO CG  HG2  sing N N 259 
PRO CG  HG3  sing N N 260 
PRO CD  HD2  sing N N 261 
PRO CD  HD3  sing N N 262 
PRO OXT HXT  sing N N 263 
SER N   CA   sing N N 264 
SER N   H    sing N N 265 
SER N   H2   sing N N 266 
SER CA  C    sing N N 267 
SER CA  CB   sing N N 268 
SER CA  HA   sing N N 269 
SER C   O    doub N N 270 
SER C   OXT  sing N N 271 
SER CB  OG   sing N N 272 
SER CB  HB2  sing N N 273 
SER CB  HB3  sing N N 274 
SER OG  HG   sing N N 275 
SER OXT HXT  sing N N 276 
THR N   CA   sing N N 277 
THR N   H    sing N N 278 
THR N   H2   sing N N 279 
THR CA  C    sing N N 280 
THR CA  CB   sing N N 281 
THR CA  HA   sing N N 282 
THR C   O    doub N N 283 
THR C   OXT  sing N N 284 
THR CB  OG1  sing N N 285 
THR CB  CG2  sing N N 286 
THR CB  HB   sing N N 287 
THR OG1 HG1  sing N N 288 
THR CG2 HG21 sing N N 289 
THR CG2 HG22 sing N N 290 
THR CG2 HG23 sing N N 291 
THR OXT HXT  sing N N 292 
TRP N   CA   sing N N 293 
TRP N   H    sing N N 294 
TRP N   H2   sing N N 295 
TRP CA  C    sing N N 296 
TRP CA  CB   sing N N 297 
TRP CA  HA   sing N N 298 
TRP C   O    doub N N 299 
TRP C   OXT  sing N N 300 
TRP CB  CG   sing N N 301 
TRP CB  HB2  sing N N 302 
TRP CB  HB3  sing N N 303 
TRP CG  CD1  doub Y N 304 
TRP CG  CD2  sing Y N 305 
TRP CD1 NE1  sing Y N 306 
TRP CD1 HD1  sing N N 307 
TRP CD2 CE2  doub Y N 308 
TRP CD2 CE3  sing Y N 309 
TRP NE1 CE2  sing Y N 310 
TRP NE1 HE1  sing N N 311 
TRP CE2 CZ2  sing Y N 312 
TRP CE3 CZ3  doub Y N 313 
TRP CE3 HE3  sing N N 314 
TRP CZ2 CH2  doub Y N 315 
TRP CZ2 HZ2  sing N N 316 
TRP CZ3 CH2  sing Y N 317 
TRP CZ3 HZ3  sing N N 318 
TRP CH2 HH2  sing N N 319 
TRP OXT HXT  sing N N 320 
TYR N   CA   sing N N 321 
TYR N   H    sing N N 322 
TYR N   H2   sing N N 323 
TYR CA  C    sing N N 324 
TYR CA  CB   sing N N 325 
TYR CA  HA   sing N N 326 
TYR C   O    doub N N 327 
TYR C   OXT  sing N N 328 
TYR CB  CG   sing N N 329 
TYR CB  HB2  sing N N 330 
TYR CB  HB3  sing N N 331 
TYR CG  CD1  doub Y N 332 
TYR CG  CD2  sing Y N 333 
TYR CD1 CE1  sing Y N 334 
TYR CD1 HD1  sing N N 335 
TYR CD2 CE2  doub Y N 336 
TYR CD2 HD2  sing N N 337 
TYR CE1 CZ   doub Y N 338 
TYR CE1 HE1  sing N N 339 
TYR CE2 CZ   sing Y N 340 
TYR CE2 HE2  sing N N 341 
TYR CZ  OH   sing N N 342 
TYR OH  HH   sing N N 343 
TYR OXT HXT  sing N N 344 
VAL N   CA   sing N N 345 
VAL N   H    sing N N 346 
VAL N   H2   sing N N 347 
VAL CA  C    sing N N 348 
VAL CA  CB   sing N N 349 
VAL CA  HA   sing N N 350 
VAL C   O    doub N N 351 
VAL C   OXT  sing N N 352 
VAL CB  CG1  sing N N 353 
VAL CB  CG2  sing N N 354 
VAL CB  HB   sing N N 355 
VAL CG1 HG11 sing N N 356 
VAL CG1 HG12 sing N N 357 
VAL CG1 HG13 sing N N 358 
VAL CG2 HG21 sing N N 359 
VAL CG2 HG22 sing N N 360 
VAL CG2 HG23 sing N N 361 
VAL OXT HXT  sing N N 362 
# 
_pdbx_initial_refinement_model.accession_code   ? 
_pdbx_initial_refinement_model.id               1 
_pdbx_initial_refinement_model.entity_id_list   ? 
_pdbx_initial_refinement_model.type             'experimental model' 
_pdbx_initial_refinement_model.source_name      Other 
_pdbx_initial_refinement_model.details          'SE DATASET FROM SEMET SUBSTITUTED CRYSTAL OF DIFFERENT CRYSTAL FORM' 
# 
_atom_sites.entry_id                    2J9V 
_atom_sites.fract_transf_matrix[1][1]   0.00428301 
_atom_sites.fract_transf_matrix[1][2]   0.00211619 
_atom_sites.fract_transf_matrix[1][3]   -0.02186008 
_atom_sites.fract_transf_matrix[2][1]   -0.00668223 
_atom_sites.fract_transf_matrix[2][2]   -0.00361612 
_atom_sites.fract_transf_matrix[2][3]   -0.00165930 
_atom_sites.fract_transf_matrix[3][1]   -0.00943648 
_atom_sites.fract_transf_matrix[3][2]   0.01750832 
_atom_sites.fract_transf_matrix[3][3]   -0.00015396 
_atom_sites.fract_transf_vector[1]      0.123175 
_atom_sites.fract_transf_vector[2]      0.135186 
_atom_sites.fract_transf_vector[3]      0.035990 
# 
loop_
_atom_type.symbol 
C 
N 
O 
S 
# 
loop_
_atom_site.group_PDB 
_atom_site.id 
_atom_site.type_symbol 
_atom_site.label_atom_id 
_atom_site.label_alt_id 
_atom_site.label_comp_id 
_atom_site.label_asym_id 
_atom_site.label_entity_id 
_atom_site.label_seq_id 
_atom_site.pdbx_PDB_ins_code 
_atom_site.Cartn_x 
_atom_site.Cartn_y 
_atom_site.Cartn_z 
_atom_site.occupancy 
_atom_site.B_iso_or_equiv 
_atom_site.pdbx_formal_charge 
_atom_site.auth_seq_id 
_atom_site.auth_comp_id 
_atom_site.auth_asym_id 
_atom_site.auth_atom_id 
_atom_site.pdbx_PDB_model_num 
ATOM   1   N N   . HIS A 1 1  ? 12.451  18.704  18.502  1.00 32.26 ? 144  HIS A N   1 
ATOM   2   C CA  . HIS A 1 1  ? 13.431  17.901  17.687  1.00 31.70 ? 144  HIS A CA  1 
ATOM   3   C C   . HIS A 1 1  ? 13.440  18.159  16.175  1.00 29.52 ? 144  HIS A C   1 
ATOM   4   O O   . HIS A 1 1  ? 12.558  18.853  15.671  1.00 30.49 ? 144  HIS A O   1 
ATOM   5   C CB  . HIS A 1 1  ? 13.349  16.396  18.010  1.00 32.83 ? 144  HIS A CB  1 
ATOM   6   C CG  . HIS A 1 1  ? 11.988  15.768  17.817  1.00 37.57 ? 144  HIS A CG  1 
ATOM   7   N ND1 . HIS A 1 1  ? 11.586  15.196  16.620  1.00 40.48 ? 144  HIS A ND1 1 
ATOM   8   C CD2 . HIS A 1 1  ? 10.979  15.534  18.697  1.00 41.52 ? 144  HIS A CD2 1 
ATOM   9   C CE1 . HIS A 1 1  ? 10.381  14.668  16.762  1.00 39.57 ? 144  HIS A CE1 1 
ATOM   10  N NE2 . HIS A 1 1  ? 9.988   14.860  18.011  1.00 43.36 ? 144  HIS A NE2 1 
ATOM   11  N N   . HIS A 1 2  ? 14.448  17.606  15.481  1.00 25.30 ? 145  HIS A N   1 
ATOM   12  C CA  . HIS A 1 2  ? 14.620  17.656  14.009  1.00 22.89 ? 145  HIS A CA  1 
ATOM   13  C C   . HIS A 1 2  ? 13.612  16.714  13.323  1.00 21.26 ? 145  HIS A C   1 
ATOM   14  O O   . HIS A 1 2  ? 13.327  15.621  13.812  1.00 22.27 ? 145  HIS A O   1 
ATOM   15  C CB  . HIS A 1 2  ? 16.082  17.279  13.651  1.00 21.33 ? 145  HIS A CB  1 
ATOM   16  C CG  . HIS A 1 2  ? 16.360  17.111  12.185  1.00 19.57 ? 145  HIS A CG  1 
ATOM   17  N ND1 . HIS A 1 2  ? 16.790  18.144  11.375  1.00 22.78 ? 145  HIS A ND1 1 
ATOM   18  C CD2 . HIS A 1 2  ? 16.328  16.010  11.395  1.00 19.12 ? 145  HIS A CD2 1 
ATOM   19  C CE1 . HIS A 1 2  ? 16.968  17.703  10.137  1.00 21.18 ? 145  HIS A CE1 1 
ATOM   20  N NE2 . HIS A 1 2  ? 16.709  16.403  10.125  1.00 23.59 ? 145  HIS A NE2 1 
ATOM   21  N N   . HIS A 1 3  ? 13.045  17.150  12.207  1.00 19.76 ? 146  HIS A N   1 
ATOM   22  C CA  . HIS A 1 3  ? 12.037  16.343  11.479  1.00 18.43 ? 146  HIS A CA  1 
ATOM   23  C C   . HIS A 1 3  ? 12.688  16.036  10.185  1.00 18.21 ? 146  HIS A C   1 
ATOM   24  O O   . HIS A 1 3  ? 13.045  16.956  9.465   1.00 17.76 ? 146  HIS A O   1 
ATOM   25  C CB  . HIS A 1 3  ? 10.769  17.159  11.277  1.00 18.62 ? 146  HIS A CB  1 
ATOM   26  C CG  . HIS A 1 3  ? 10.239  17.715  12.558  1.00 15.08 ? 146  HIS A CG  1 
ATOM   27  N ND1 . HIS A 1 3  ? 9.818   16.906  13.589  1.00 18.04 ? 146  HIS A ND1 1 
ATOM   28  C CD2 . HIS A 1 3  ? 10.127  18.992  13.001  1.00 14.83 ? 146  HIS A CD2 1 
ATOM   29  C CE1 . HIS A 1 3  ? 9.449   17.657  14.613  1.00 14.81 ? 146  HIS A CE1 1 
ATOM   30  N NE2 . HIS A 1 3  ? 9.631   18.928  14.286  1.00 15.34 ? 146  HIS A NE2 1 
ATOM   31  N N   . MET A 1 4  ? 12.958  14.754  9.922   1.00 17.96 ? 147  MET A N   1 
ATOM   32  C CA  . MET A 1 4  ? 13.731  14.429  8.716   1.00 19.16 ? 147  MET A CA  1 
ATOM   33  C C   . MET A 1 4  ? 12.920  14.293  7.413   1.00 16.90 ? 147  MET A C   1 
ATOM   34  O O   . MET A 1 4  ? 13.488  14.366  6.309   1.00 17.57 ? 147  MET A O   1 
ATOM   35  C CB  . MET A 1 4  ? 14.683  13.232  8.982   1.00 19.06 ? 147  MET A CB  1 
ATOM   36  C CG  . MET A 1 4  ? 14.020  11.906  9.171   1.00 21.27 ? 147  MET A CG  1 
ATOM   37  S SD  . MET A 1 4  ? 15.266  10.586  9.451   1.00 25.57 ? 147  MET A SD  1 
ATOM   38  C CE  . MET A 1 4  ? 15.693  10.902  11.134  1.00 22.14 ? 147  MET A CE  1 
ATOM   39  N N   . PHE A 1 5  ? 11.600  14.109  7.516   1.00 16.81 ? 148  PHE A N   1 
ATOM   40  C CA  . PHE A 1 5  ? 10.748  13.914  6.330   1.00 16.21 ? 148  PHE A CA  1 
ATOM   41  C C   . PHE A 1 5  ? 9.870   15.094  5.991   1.00 16.10 ? 148  PHE A C   1 
ATOM   42  O O   . PHE A 1 5  ? 9.462   15.830  6.863   1.00 15.61 ? 148  PHE A O   1 
ATOM   43  C CB  . PHE A 1 5  ? 9.843   12.679  6.454   1.00 17.80 ? 148  PHE A CB  1 
ATOM   44  C CG  . PHE A 1 5  ? 10.593  11.421  6.823   1.00 18.47 ? 148  PHE A CG  1 
ATOM   45  C CD1 . PHE A 1 5  ? 11.568  10.932  5.983   1.00 17.93 ? 148  PHE A CD1 1 
ATOM   46  C CD2 . PHE A 1 5  ? 10.378  10.803  8.014   1.00 18.39 ? 148  PHE A CD2 1 
ATOM   47  C CE1 . PHE A 1 5  ? 12.307  9.781   6.319   1.00 17.72 ? 148  PHE A CE1 1 
ATOM   48  C CE2 . PHE A 1 5  ? 11.106  9.643   8.348   1.00 21.78 ? 148  PHE A CE2 1 
ATOM   49  C CZ  . PHE A 1 5  ? 12.067  9.155   7.495   1.00 18.10 ? 148  PHE A CZ  1 
ATOM   50  N N   . ASN A 1 6  ? 9.672   15.275  4.697   1.00 14.31 ? 149  ASN A N   1 
ATOM   51  C CA  . ASN A 1 6  ? 8.771   16.221  4.141   1.00 16.48 ? 149  ASN A CA  1 
ATOM   52  C C   . ASN A 1 6  ? 7.305   15.908  4.474   1.00 15.73 ? 149  ASN A C   1 
ATOM   53  O O   . ASN A 1 6  ? 6.770   14.851  4.172   1.00 15.68 ? 149  ASN A O   1 
ATOM   54  C CB  . ASN A 1 6  ? 8.996   16.260  2.627   1.00 14.57 ? 149  ASN A CB  1 
ATOM   55  C CG  . ASN A 1 6  ? 8.176   17.314  1.939   1.00 17.56 ? 149  ASN A CG  1 
ATOM   56  O OD1 . ASN A 1 6  ? 7.004   17.444  2.215   1.00 15.57 ? 149  ASN A OD1 1 
ATOM   57  N ND2 . ASN A 1 6  ? 8.763   17.990  0.924   1.00 15.74 ? 149  ASN A ND2 1 
ATOM   58  N N   . ALA A 1 7  ? 6.652   16.853  5.104   1.00 17.65 ? 150  ALA A N   1 
ATOM   59  C CA  . ALA A 1 7  ? 5.325   16.588  5.717   1.00 17.05 ? 150  ALA A CA  1 
ATOM   60  C C   . ALA A 1 7  ? 4.249   16.492  4.663   1.00 18.01 ? 150  ALA A C   1 
ATOM   61  O O   . ALA A 1 7  ? 3.265   15.790  4.876   1.00 18.86 ? 150  ALA A O   1 
ATOM   62  C CB  . ALA A 1 7  ? 5.007   17.611  6.678   1.00 17.04 ? 150  ALA A CB  1 
ATOM   63  N N   . LYS A 1 8  ? 4.445   17.148  3.515   1.00 17.19 ? 151  LYS A N   1 
ATOM   64  C CA  . LYS A 1 8  ? 3.499   17.019  2.402   1.00 18.40 ? 151  LYS A CA  1 
ATOM   65  C C   . LYS A 1 8  ? 3.543   15.593  1.826   1.00 17.39 ? 151  LYS A C   1 
ATOM   66  O O   . LYS A 1 8  ? 2.511   15.002  1.574   1.00 16.43 ? 151  LYS A O   1 
ATOM   67  C CB  . LYS A 1 8  ? 3.807   17.996  1.261   1.00 17.48 ? 151  LYS A CB  1 
ATOM   68  C CG  . LYS A 1 8  ? 3.142   19.335  1.394   1.00 17.35 ? 151  LYS A CG  1 
ATOM   69  C CD  . LYS A 1 8  ? 3.499   20.321  0.262   1.00 21.98 ? 151  LYS A CD  1 
ATOM   70  C CE  . LYS A 1 8  ? 2.816   21.712  0.630   1.00 25.23 ? 151  LYS A CE  1 
ATOM   71  N NZ  . LYS A 1 8  ? 2.794   22.589  -0.529  1.00 29.91 ? 151  LYS A NZ  1 
ATOM   72  N N   . TYR A 1 9  ? 4.756   15.075  1.636   1.00 17.75 ? 152  TYR A N   1 
ATOM   73  C CA  . TYR A 1 9  ? 4.963   13.696  1.197   1.00 17.79 ? 152  TYR A CA  1 
ATOM   74  C C   . TYR A 1 9  ? 4.367   12.726  2.163   1.00 16.32 ? 152  TYR A C   1 
ATOM   75  O O   . TYR A 1 9  ? 3.753   11.738  1.737   1.00 17.27 ? 152  TYR A O   1 
ATOM   76  C CB  . TYR A 1 9  ? 6.446   13.388  1.034   1.00 18.51 ? 152  TYR A CB  1 
ATOM   77  C CG  . TYR A 1 9  ? 7.105   14.193  -0.039  1.00 21.46 ? 152  TYR A CG  1 
ATOM   78  C CD1 . TYR A 1 9  ? 6.338   15.004  -0.906  1.00 25.84 ? 152  TYR A CD1 1 
ATOM   79  C CD2 . TYR A 1 9  ? 8.478   14.181  -0.195  1.00 25.35 ? 152  TYR A CD2 1 
ATOM   80  C CE1 . TYR A 1 9  ? 6.946   15.773  -1.907  1.00 25.46 ? 152  TYR A CE1 1 
ATOM   81  C CE2 . TYR A 1 9  ? 9.106   14.928  -1.226  1.00 24.81 ? 152  TYR A CE2 1 
ATOM   82  C CZ  . TYR A 1 9  ? 8.323   15.724  -2.049  1.00 25.24 ? 152  TYR A CZ  1 
ATOM   83  O OH  . TYR A 1 9  ? 8.921   16.464  -3.035  1.00 28.40 ? 152  TYR A OH  1 
ATOM   84  N N   . VAL A 1 10 ? 4.579   12.947  3.456   1.00 16.37 ? 153  VAL A N   1 
ATOM   85  C CA  . VAL A 1 10 ? 3.956   12.041  4.382   1.00 16.08 ? 153  VAL A CA  1 
ATOM   86  C C   . VAL A 1 10 ? 2.453   12.114  4.368   1.00 16.48 ? 153  VAL A C   1 
ATOM   87  O O   . VAL A 1 10 ? 1.816   11.076  4.455   1.00 16.78 ? 153  VAL A O   1 
ATOM   88  C CB  . VAL A 1 10 ? 4.622   11.862  5.817   1.00 16.34 ? 153  VAL A CB  1 
ATOM   89  C CG1 . VAL A 1 10 ? 6.055   12.371  5.944   1.00 16.85 ? 153  VAL A CG1 1 
ATOM   90  C CG2 . VAL A 1 10 ? 3.671   12.018  7.040   1.00 13.67 ? 153  VAL A CG2 1 
ATOM   91  N N   . ALA A 1 11 ? 1.876   13.315  4.218   1.00 16.19 ? 154  ALA A N   1 
ATOM   92  C CA  . ALA A 1 11 ? 0.428   13.429  4.195   1.00 15.47 ? 154  ALA A CA  1 
ATOM   93  C C   . ALA A 1 11 ? -0.112  12.685  3.030   1.00 15.14 ? 154  ALA A C   1 
ATOM   94  O O   . ALA A 1 11 ? -1.094  11.994  3.169   1.00 14.59 ? 154  ALA A O   1 
ATOM   95  C CB  . ALA A 1 11 ? -0.052  14.923  4.194   1.00 15.13 ? 154  ALA A CB  1 
ATOM   96  N N   . GLU A 1 12 ? 0.525   12.794  1.852   1.00 16.73 ? 155  GLU A N   1 
ATOM   97  C CA  . GLU A 1 12 ? 0.116   12.018  0.708   1.00 18.64 ? 155  GLU A CA  1 
ATOM   98  C C   . GLU A 1 12 ? 0.224   10.511  0.841   1.00 19.05 ? 155  GLU A C   1 
ATOM   99  O O   . GLU A 1 12 ? -0.700  9.795   0.431   1.00 18.82 ? 155  GLU A O   1 
ATOM   100 C CB  . GLU A 1 12 ? 0.956   12.421  -0.514  1.00 18.62 ? 155  GLU A CB  1 
ATOM   101 C CG  . GLU A 1 12 ? 0.771   13.869  -0.866  1.00 28.08 ? 155  GLU A CG  1 
ATOM   102 C CD  . GLU A 1 12 ? 1.394   14.265  -2.216  1.00 39.94 ? 155  GLU A CD  1 
ATOM   103 O OE1 . GLU A 1 12 ? 2.637   14.127  -2.380  1.00 43.81 ? 155  GLU A OE1 1 
ATOM   104 O OE2 . GLU A 1 12 ? 0.623   14.728  -3.101  1.00 45.92 ? 155  GLU A OE2 1 
ATOM   105 N N   . ALA A 1 13 ? 1.371   10.026  1.346   1.00 16.83 ? 156  ALA A N   1 
ATOM   106 C CA  . ALA A 1 13 ? 1.571   8.592   1.574   1.00 16.41 ? 156  ALA A CA  1 
ATOM   107 C C   . ALA A 1 13 ? 0.508   8.043   2.504   1.00 16.74 ? 156  ALA A C   1 
ATOM   108 O O   . ALA A 1 13 ? -0.044  6.970   2.274   1.00 16.48 ? 156  ALA A O   1 
ATOM   109 C CB  . ALA A 1 13 ? 2.961   8.332   2.208   1.00 13.91 ? 156  ALA A CB  1 
ATOM   110 N N   . THR A 1 14 ? 0.246   8.806   3.564   1.00 16.62 ? 157  THR A N   1 
ATOM   111 C CA  . THR A 1 14 ? -0.732  8.457   4.553   1.00 17.84 ? 157  THR A CA  1 
ATOM   112 C C   . THR A 1 14 ? -2.111  8.343   3.887   1.00 19.23 ? 157  THR A C   1 
ATOM   113 O O   . THR A 1 14 ? -2.826  7.359   4.115   1.00 19.60 ? 157  THR A O   1 
ATOM   114 C CB  . THR A 1 14 ? -0.703  9.445   5.715   1.00 16.88 ? 157  THR A CB  1 
ATOM   115 O OG1 . THR A 1 14 ? 0.599   9.433   6.327   1.00 16.48 ? 157  THR A OG1 1 
ATOM   116 C CG2 . THR A 1 14 ? -1.698  9.053   6.809   1.00 18.31 ? 157  THR A CG2 1 
ATOM   117 N N   . GLY A 1 15 ? -2.465  9.326   3.057   1.00 19.71 ? 158  GLY A N   1 
ATOM   118 C CA  . GLY A 1 15 ? -3.736  9.315   2.346   1.00 20.30 ? 158  GLY A CA  1 
ATOM   119 C C   . GLY A 1 15 ? -3.841  8.115   1.424   1.00 21.63 ? 158  GLY A C   1 
ATOM   120 O O   . GLY A 1 15 ? -4.902  7.485   1.338   1.00 22.10 ? 158  GLY A O   1 
ATOM   121 N N   . ASN A 1 16 ? -2.734  7.760   0.772   1.00 21.28 ? 159  ASN A N   1 
ATOM   122 C CA  . ASN A 1 16 ? -2.722  6.625   -0.152  1.00 21.27 ? 159  ASN A CA  1 
ATOM   123 C C   . ASN A 1 16 ? -2.862  5.314   0.567   1.00 21.41 ? 159  ASN A C   1 
ATOM   124 O O   . ASN A 1 16 ? -3.475  4.402   0.047   1.00 21.62 ? 159  ASN A O   1 
ATOM   125 C CB  . ASN A 1 16 ? -1.463  6.621   -1.020  1.00 21.00 ? 159  ASN A CB  1 
ATOM   126 C CG  . ASN A 1 16 ? -1.496  7.688   -2.083  1.00 25.08 ? 159  ASN A CG  1 
ATOM   127 O OD1 . ASN A 1 16 ? -2.559  8.162   -2.449  1.00 31.76 ? 159  ASN A OD1 1 
ATOM   128 N ND2 . ASN A 1 16 ? -0.352  8.073   -2.587  1.00 25.33 ? 159  ASN A ND2 1 
ATOM   129 N N   . PHE A 1 17 ? -2.339  5.227   1.793   1.00 22.02 ? 160  PHE A N   1 
ATOM   130 C CA  . PHE A 1 17 ? -2.507  4.010   2.599   1.00 22.01 ? 160  PHE A CA  1 
ATOM   131 C C   . PHE A 1 17 ? -3.954  3.800   2.872   1.00 23.71 ? 160  PHE A C   1 
ATOM   132 O O   . PHE A 1 17 ? -4.454  2.708   2.630   1.00 24.24 ? 160  PHE A O   1 
ATOM   133 C CB  . PHE A 1 17 ? -1.776  4.097   3.929   1.00 20.44 ? 160  PHE A CB  1 
ATOM   134 C CG  . PHE A 1 17 ? -0.394  3.546   3.906   1.00 17.73 ? 160  PHE A CG  1 
ATOM   135 C CD1 . PHE A 1 17 ? 0.706   4.394   4.007   1.00 16.07 ? 160  PHE A CD1 1 
ATOM   136 C CD2 . PHE A 1 17 ? -0.163  2.151   3.799   1.00 12.31 ? 160  PHE A CD2 1 
ATOM   137 C CE1 . PHE A 1 17 ? 2.012   3.894   4.077   1.00 13.80 ? 160  PHE A CE1 1 
ATOM   138 C CE2 . PHE A 1 17 ? 1.145   1.675   3.821   1.00 10.29 ? 160  PHE A CE2 1 
ATOM   139 C CZ  . PHE A 1 17 ? 2.217   2.531   3.983   1.00 13.00 ? 160  PHE A CZ  1 
ATOM   140 N N   . ILE A 1 18 ? -4.625  4.847   3.384   1.00 24.62 ? 161  ILE A N   1 
ATOM   141 C CA  . ILE A 1 18 ? -6.014  4.767   3.732   1.00 24.93 ? 161  ILE A CA  1 
ATOM   142 C C   . ILE A 1 18 ? -6.886  4.578   2.506   1.00 25.25 ? 161  ILE A C   1 
ATOM   143 O O   . ILE A 1 18 ? -7.813  3.768   2.521   1.00 25.47 ? 161  ILE A O   1 
ATOM   144 C CB  . ILE A 1 18 ? -6.477  5.959   4.571   1.00 25.61 ? 161  ILE A CB  1 
ATOM   145 C CG1 . ILE A 1 18 ? -5.722  5.989   5.896   1.00 25.42 ? 161  ILE A CG1 1 
ATOM   146 C CG2 . ILE A 1 18 ? -7.974  5.839   4.894   1.00 25.51 ? 161  ILE A CG2 1 
ATOM   147 C CD1 . ILE A 1 18 ? -5.411  7.388   6.363   1.00 24.40 ? 161  ILE A CD1 1 
ATOM   148 N N   . THR A 1 19 ? -6.579  5.277   1.418   1.00 25.94 ? 162  THR A N   1 
ATOM   149 C CA  . THR A 1 19 ? -7.287  5.026   0.164   1.00 25.69 ? 162  THR A CA  1 
ATOM   150 C C   . THR A 1 19 ? -7.379  3.534   -0.193  1.00 26.06 ? 162  THR A C   1 
ATOM   151 O O   . THR A 1 19 ? -8.491  3.048   -0.491  1.00 25.54 ? 162  THR A O   1 
ATOM   152 C CB  . THR A 1 19 ? -6.669  5.791   -0.997  1.00 26.03 ? 162  THR A CB  1 
ATOM   153 O OG1 . THR A 1 19 ? -6.926  7.187   -0.827  1.00 28.90 ? 162  THR A OG1 1 
ATOM   154 C CG2 . THR A 1 19 ? -7.274  5.356   -2.324  1.00 26.93 ? 162  THR A CG2 1 
ATOM   155 N N   . VAL A 1 20 ? -6.244  2.817   -0.174  1.00 25.51 ? 163  VAL A N   1 
ATOM   156 C CA  . VAL A 1 20 ? -6.221  1.451   -0.716  1.00 26.45 ? 163  VAL A CA  1 
ATOM   157 C C   . VAL A 1 20 ? -6.986  0.584   0.253   1.00 27.48 ? 163  VAL A C   1 
ATOM   158 O O   . VAL A 1 20 ? -7.711  -0.303  -0.154  1.00 27.78 ? 163  VAL A O   1 
ATOM   159 C CB  . VAL A 1 20 ? -4.774  0.868   -0.958  1.00 26.05 ? 163  VAL A CB  1 
ATOM   160 C CG1 . VAL A 1 20 ? -4.857  -0.590  -1.568  1.00 26.42 ? 163  VAL A CG1 1 
ATOM   161 C CG2 . VAL A 1 20 ? -3.986  1.738   -1.902  1.00 24.43 ? 163  VAL A CG2 1 
ATOM   162 N N   . MET A 1 21 ? -6.809  0.864   1.535   1.00 28.12 ? 164  MET A N   1 
ATOM   163 C CA  . MET A 1 21 ? -7.552  0.183   2.558   1.00 31.09 ? 164  MET A CA  1 
ATOM   164 C C   . MET A 1 21 ? -9.058  0.333   2.370   1.00 31.04 ? 164  MET A C   1 
ATOM   165 O O   . MET A 1 21 ? -9.766  -0.666  2.368   1.00 32.26 ? 164  MET A O   1 
ATOM   166 C CB  . MET A 1 21 ? -7.129  0.670   3.923   1.00 30.52 ? 164  MET A CB  1 
ATOM   167 C CG  . MET A 1 21 ? -5.772  0.118   4.331   1.00 31.10 ? 164  MET A CG  1 
ATOM   168 S SD  . MET A 1 21 ? -5.262  0.881   5.896   1.00 36.55 ? 164  MET A SD  1 
ATOM   169 C CE  . MET A 1 21 ? -3.568  0.343   5.906   1.00 34.08 ? 164  MET A CE  1 
ATOM   170 N N   . ASP A 1 22 ? -9.556  1.558   2.221   1.00 30.69 ? 165  ASP A N   1 
ATOM   171 C CA  . ASP A 1 22 ? -10.971 1.762   1.884   1.00 30.84 ? 165  ASP A CA  1 
ATOM   172 C C   . ASP A 1 22 ? -11.442 1.044   0.607   1.00 30.78 ? 165  ASP A C   1 
ATOM   173 O O   . ASP A 1 22 ? -12.539 0.482   0.570   1.00 31.45 ? 165  ASP A O   1 
ATOM   174 C CB  . ASP A 1 22 ? -11.272 3.248   1.721   1.00 31.50 ? 165  ASP A CB  1 
ATOM   175 C CG  . ASP A 1 22 ? -11.286 3.987   3.031   1.00 31.82 ? 165  ASP A CG  1 
ATOM   176 O OD1 . ASP A 1 22 ? -11.169 3.363   4.107   1.00 35.44 ? 165  ASP A OD1 1 
ATOM   177 O OD2 . ASP A 1 22 ? -11.377 5.227   2.969   1.00 35.74 ? 165  ASP A OD2 1 
ATOM   178 N N   . ALA A 1 23 ? -10.649 1.121   -0.450  1.00 29.82 ? 166  ALA A N   1 
ATOM   179 C CA  . ALA A 1 23 ? -10.978 0.462   -1.684  1.00 30.39 ? 166  ALA A CA  1 
ATOM   180 C C   . ALA A 1 23 ? -11.172 -1.011  -1.404  1.00 31.36 ? 166  ALA A C   1 
ATOM   181 O O   . ALA A 1 23 ? -12.125 -1.596  -1.891  1.00 31.65 ? 166  ALA A O   1 
ATOM   182 C CB  . ALA A 1 23 ? -9.886  0.654   -2.684  1.00 29.49 ? 166  ALA A CB  1 
ATOM   183 N N   . LEU A 1 24 ? -10.274 -1.599  -0.619  1.00 31.90 ? 167  LEU A N   1 
ATOM   184 C CA  . LEU A 1 24 ? -10.377 -3.004  -0.237  1.00 34.37 ? 167  LEU A CA  1 
ATOM   185 C C   . LEU A 1 24 ? -11.717 -3.329  0.434   1.00 36.14 ? 167  LEU A C   1 
ATOM   186 O O   . LEU A 1 24 ? -12.355 -4.344  0.134   1.00 36.56 ? 167  LEU A O   1 
ATOM   187 C CB  . LEU A 1 24 ? -9.212  -3.391  0.684   1.00 33.49 ? 167  LEU A CB  1 
ATOM   188 C CG  . LEU A 1 24 ? -7.971  -4.119  0.148   1.00 33.89 ? 167  LEU A CG  1 
ATOM   189 C CD1 . LEU A 1 24 ? -7.769  -4.066  -1.354  1.00 34.15 ? 167  LEU A CD1 1 
ATOM   190 C CD2 . LEU A 1 24 ? -6.738  -3.658  0.845   1.00 32.15 ? 167  LEU A CD2 1 
ATOM   191 N N   . LYS A 1 25 ? -12.124 -2.445  1.347   1.00 38.31 ? 168  LYS A N   1 
ATOM   192 C CA  . LYS A 1 25 ? -13.386 -2.537  2.088   1.00 39.62 ? 168  LYS A CA  1 
ATOM   193 C C   . LYS A 1 25 ? -14.626 -2.353  1.217   1.00 40.76 ? 168  LYS A C   1 
ATOM   194 O O   . LYS A 1 25 ? -15.685 -2.861  1.529   1.00 42.04 ? 168  LYS A O   1 
ATOM   195 C CB  . LYS A 1 25 ? -13.395 -1.500  3.221   1.00 39.16 ? 168  LYS A CB  1 
ATOM   196 C CG  . LYS A 1 25 ? -12.362 -1.786  4.300   1.00 38.52 ? 168  LYS A CG  1 
ATOM   197 C CD  . LYS A 1 25 ? -12.376 -0.751  5.404   1.00 37.99 ? 168  LYS A CD  1 
ATOM   198 C CE  . LYS A 1 25 ? -11.215 -0.999  6.367   1.00 42.73 ? 168  LYS A CE  1 
ATOM   199 N NZ  . LYS A 1 25 ? -11.483 -0.649  7.828   1.00 45.54 ? 168  LYS A NZ  1 
ATOM   200 N N   . LEU A 1 26 ? -14.490 -1.605  0.137   1.00 42.32 ? 169  LEU A N   1 
ATOM   201 C CA  . LEU A 1 26 ? -15.556 -1.373  -0.823  1.00 43.47 ? 169  LEU A CA  1 
ATOM   202 C C   . LEU A 1 26 ? -15.564 -2.476  -1.896  1.00 44.36 ? 169  LEU A C   1 
ATOM   203 O O   . LEU A 1 26 ? -16.168 -2.326  -2.986  1.00 44.71 ? 169  LEU A O   1 
ATOM   204 C CB  . LEU A 1 26 ? -15.335 0.000   -1.475  1.00 43.92 ? 169  LEU A CB  1 
ATOM   205 C CG  . LEU A 1 26 ? -16.015 1.252   -0.919  1.00 45.33 ? 169  LEU A CG  1 
ATOM   206 C CD1 . LEU A 1 26 ? -17.328 1.481   -1.685  1.00 47.83 ? 169  LEU A CD1 1 
ATOM   207 C CD2 . LEU A 1 26 ? -16.264 1.171   0.587   1.00 48.66 ? 169  LEU A CD2 1 
ATOM   208 N N   . ASN A 1 27 ? -14.866 -3.562  -1.577  1.00 44.30 ? 170  ASN A N   1 
ATOM   209 C CA  . ASN A 1 27 ? -14.683 -4.700  -2.464  1.00 44.86 ? 170  ASN A CA  1 
ATOM   210 C C   . ASN A 1 27 ? -14.104 -4.410  -3.835  1.00 44.21 ? 170  ASN A C   1 
ATOM   211 O O   . ASN A 1 27 ? -14.600 -4.910  -4.835  1.00 44.44 ? 170  ASN A O   1 
ATOM   212 C CB  . ASN A 1 27 ? -15.972 -5.517  -2.578  1.00 45.80 ? 170  ASN A CB  1 
ATOM   213 C CG  . ASN A 1 27 ? -16.121 -6.500  -1.450  1.00 47.75 ? 170  ASN A CG  1 
ATOM   214 O OD1 . ASN A 1 27 ? -15.298 -7.421  -1.294  1.00 51.80 ? 170  ASN A OD1 1 
ATOM   215 N ND2 . ASN A 1 27 ? -17.164 -6.318  -0.648  1.00 49.28 ? 170  ASN A ND2 1 
ATOM   216 N N   . TYR A 1 28 ? -13.044 -3.616  -3.882  1.00 43.29 ? 171  TYR A N   1 
ATOM   217 C CA  . TYR A 1 28 ? -12.200 -3.568  -5.067  1.00 42.16 ? 171  TYR A CA  1 
ATOM   218 C C   . TYR A 1 28 ? -11.302 -4.799  -4.981  1.00 40.32 ? 171  TYR A C   1 
ATOM   219 O O   . TYR A 1 28 ? -10.588 -4.981  -4.001  1.00 38.95 ? 171  TYR A O   1 
ATOM   220 C CB  . TYR A 1 28 ? -11.344 -2.306  -5.052  1.00 43.71 ? 171  TYR A CB  1 
ATOM   221 C CG  . TYR A 1 28 ? -12.064 -1.022  -5.394  1.00 45.64 ? 171  TYR A CG  1 
ATOM   222 C CD1 . TYR A 1 28 ? -13.320 -0.710  -4.846  1.00 45.75 ? 171  TYR A CD1 1 
ATOM   223 C CD2 . TYR A 1 28 ? -11.466 -0.098  -6.242  1.00 46.96 ? 171  TYR A CD2 1 
ATOM   224 C CE1 . TYR A 1 28 ? -13.970 0.491   -5.169  1.00 47.89 ? 171  TYR A CE1 1 
ATOM   225 C CE2 . TYR A 1 28 ? -12.096 1.103   -6.568  1.00 48.88 ? 171  TYR A CE2 1 
ATOM   226 C CZ  . TYR A 1 28 ? -13.344 1.398   -6.035  1.00 48.27 ? 171  TYR A CZ  1 
ATOM   227 O OH  . TYR A 1 28 ? -13.941 2.610   -6.389  1.00 49.05 ? 171  TYR A OH  1 
ATOM   228 N N   . ASN A 1 29 ? -11.347 -5.650  -6.001  1.00 38.60 ? 172  ASN A N   1 
ATOM   229 C CA  . ASN A 1 29 ? -10.621 -6.909  -5.946  1.00 37.00 ? 172  ASN A CA  1 
ATOM   230 C C   . ASN A 1 29 ? -9.908  -7.331  -7.231  1.00 35.90 ? 172  ASN A C   1 
ATOM   231 O O   . ASN A 1 29 ? -9.327  -8.417  -7.281  1.00 34.81 ? 172  ASN A O   1 
ATOM   232 C CB  . ASN A 1 29 ? -11.532 -8.039  -5.428  1.00 38.36 ? 172  ASN A CB  1 
ATOM   233 C CG  . ASN A 1 29 ? -12.837 -8.222  -6.262  1.00 38.37 ? 172  ASN A CG  1 
ATOM   234 O OD1 . ASN A 1 29 ? -13.783 -8.851  -5.794  1.00 41.85 ? 172  ASN A OD1 1 
ATOM   235 N ND2 . ASN A 1 29 ? -12.873 -7.693  -7.476  1.00 38.54 ? 172  ASN A ND2 1 
ATOM   236 N N   . ALA A 1 30 ? -9.963  -6.487  -8.256  1.00 35.19 ? 173  ALA A N   1 
ATOM   237 C CA  . ALA A 1 30 ? -9.424  -6.811  -9.583  1.00 35.89 ? 173  ALA A CA  1 
ATOM   238 C C   . ALA A 1 30 ? -8.141  -6.048  -9.909  1.00 36.01 ? 173  ALA A C   1 
ATOM   239 O O   . ALA A 1 30 ? -7.929  -4.951  -9.392  1.00 36.06 ? 173  ALA A O   1 
ATOM   240 C CB  . ALA A 1 30 ? -10.502 -6.549  -10.674 1.00 35.33 ? 173  ALA A CB  1 
ATOM   241 N N   . LYS A 1 31 ? -7.289  -6.603  -10.776 1.00 36.75 ? 174  LYS A N   1 
ATOM   242 C CA  . LYS A 1 31 ? -6.040  -5.898  -11.167 1.00 37.36 ? 174  LYS A CA  1 
ATOM   243 C C   . LYS A 1 31 ? -6.282  -4.426  -11.566 1.00 37.08 ? 174  LYS A C   1 
ATOM   244 O O   . LYS A 1 31 ? -5.544  -3.528  -11.165 1.00 36.66 ? 174  LYS A O   1 
ATOM   245 C CB  . LYS A 1 31 ? -5.288  -6.634  -12.283 1.00 36.73 ? 174  LYS A CB  1 
ATOM   246 C CG  . LYS A 1 31 ? -3.974  -5.936  -12.653 1.00 38.09 ? 174  LYS A CG  1 
ATOM   247 C CD  . LYS A 1 31 ? -3.269  -6.553  -13.866 1.00 38.62 ? 174  LYS A CD  1 
ATOM   248 C CE  . LYS A 1 31 ? -2.421  -5.479  -14.600 1.00 41.50 ? 174  LYS A CE  1 
ATOM   249 N NZ  . LYS A 1 31 ? -1.450  -6.051  -15.628 1.00 41.49 ? 174  LYS A NZ  1 
ATOM   250 N N   . ASP A 1 32 ? -7.327  -4.181  -12.355 1.00 37.13 ? 175  ASP A N   1 
ATOM   251 C CA  . ASP A 1 32 ? -7.571  -2.851  -12.905 1.00 36.70 ? 175  ASP A CA  1 
ATOM   252 C C   . ASP A 1 32 ? -7.958  -1.867  -11.801 1.00 36.12 ? 175  ASP A C   1 
ATOM   253 O O   . ASP A 1 32 ? -7.808  -0.655  -11.969 1.00 36.50 ? 175  ASP A O   1 
ATOM   254 C CB  . ASP A 1 32 ? -8.688  -2.907  -13.947 1.00 37.68 ? 175  ASP A CB  1 
ATOM   255 C CG  . ASP A 1 32 ? -10.020 -3.336  -13.345 1.00 38.79 ? 175  ASP A CG  1 
ATOM   256 O OD1 . ASP A 1 32 ? -10.258 -4.551  -13.178 1.00 41.99 ? 175  ASP A OD1 1 
ATOM   257 O OD2 . ASP A 1 32 ? -10.828 -2.446  -13.018 1.00 43.57 ? 175  ASP A OD2 1 
ATOM   258 N N   . GLN A 1 33 ? -8.502  -2.387  -10.707 1.00 34.23 ? 176  GLN A N   1 
ATOM   259 C CA  . GLN A 1 33 ? -8.890  -1.546  -9.568  1.00 34.45 ? 176  GLN A CA  1 
ATOM   260 C C   . GLN A 1 33 ? -7.716  -1.332  -8.625  1.00 32.94 ? 176  GLN A C   1 
ATOM   261 O O   . GLN A 1 33 ? -7.467  -0.229  -8.169  1.00 32.52 ? 176  GLN A O   1 
ATOM   262 C CB  . GLN A 1 33 ? -10.003 -2.206  -8.748  1.00 34.33 ? 176  GLN A CB  1 
ATOM   263 C CG  . GLN A 1 33 ? -11.379 -2.293  -9.443  1.00 36.54 ? 176  GLN A CG  1 
ATOM   264 C CD  . GLN A 1 33 ? -12.287 -3.291  -8.758  1.00 36.31 ? 176  GLN A CD  1 
ATOM   265 O OE1 . GLN A 1 33 ? -11.958 -4.473  -8.645  1.00 38.73 ? 176  GLN A OE1 1 
ATOM   266 N NE2 . GLN A 1 33 ? -13.430 -2.822  -8.285  1.00 39.86 ? 176  GLN A NE2 1 
ATOM   267 N N   . LEU A 1 34 ? -6.977  -2.405  -8.379  1.00 31.92 ? 177  LEU A N   1 
ATOM   268 C CA  A LEU A 1 34 ? -6.078  -2.453  -7.230  0.50 31.71 ? 177  LEU A CA  1 
ATOM   269 C CA  B LEU A 1 34 ? -6.077  -2.465  -7.230  0.50 31.79 ? 177  LEU A CA  1 
ATOM   270 C C   . LEU A 1 34 ? -4.664  -2.058  -7.591  1.00 31.56 ? 177  LEU A C   1 
ATOM   271 O O   . LEU A 1 34 ? -3.952  -1.488  -6.767  1.00 31.43 ? 177  LEU A O   1 
ATOM   272 C CB  A LEU A 1 34 ? -6.112  -3.829  -6.562  0.50 31.18 ? 177  LEU A CB  1 
ATOM   273 C CB  B LEU A 1 34 ? -6.123  -3.856  -6.583  0.50 31.33 ? 177  LEU A CB  1 
ATOM   274 C CG  A LEU A 1 34 ? -7.342  -4.212  -5.733  0.50 30.46 ? 177  LEU A CG  1 
ATOM   275 C CG  B LEU A 1 34 ? -6.680  -4.038  -5.160  0.50 30.96 ? 177  LEU A CG  1 
ATOM   276 C CD1 A LEU A 1 34 ? -7.114  -5.582  -5.160  0.50 29.23 ? 177  LEU A CD1 1 
ATOM   277 C CD1 B LEU A 1 34 ? -7.881  -3.159  -4.832  0.50 29.49 ? 177  LEU A CD1 1 
ATOM   278 C CD2 A LEU A 1 34 ? -7.640  -3.230  -4.602  0.50 28.75 ? 177  LEU A CD2 1 
ATOM   279 C CD2 B LEU A 1 34 ? -7.032  -5.485  -4.954  0.50 30.38 ? 177  LEU A CD2 1 
ATOM   280 N N   . HIS A 1 35 ? -4.291  -2.335  -8.827  1.00 31.46 ? 178  HIS A N   1 
ATOM   281 C CA  . HIS A 1 35 ? -2.955  -2.045  -9.318  1.00 32.41 ? 178  HIS A CA  1 
ATOM   282 C C   . HIS A 1 35 ? -2.574  -0.555  -9.412  1.00 30.82 ? 178  HIS A C   1 
ATOM   283 O O   . HIS A 1 35 ? -1.461  -0.188  -9.056  1.00 30.57 ? 178  HIS A O   1 
ATOM   284 C CB  . HIS A 1 35 ? -2.752  -2.711  -10.678 1.00 32.83 ? 178  HIS A CB  1 
ATOM   285 C CG  . HIS A 1 35 ? -1.362  -2.603  -11.201 1.00 36.46 ? 178  HIS A CG  1 
ATOM   286 N ND1 . HIS A 1 35 ? -0.937  -1.540  -11.971 1.00 41.03 ? 178  HIS A ND1 1 
ATOM   287 C CD2 . HIS A 1 35 ? -0.299  -3.430  -11.080 1.00 41.34 ? 178  HIS A CD2 1 
ATOM   288 C CE1 . HIS A 1 35 ? 0.330   -1.713  -12.301 1.00 43.39 ? 178  HIS A CE1 1 
ATOM   289 N NE2 . HIS A 1 35 ? 0.743   -2.852  -11.771 1.00 45.14 ? 178  HIS A NE2 1 
ATOM   290 N N   . PRO A 1 36 ? -3.466  0.298   -9.953  1.00 29.74 ? 179  PRO A N   1 
ATOM   291 C CA  . PRO A 1 36 ? -3.093  1.710   -9.959  1.00 28.81 ? 179  PRO A CA  1 
ATOM   292 C C   . PRO A 1 36 ? -3.003  2.270   -8.551  1.00 27.96 ? 179  PRO A C   1 
ATOM   293 O O   . PRO A 1 36 ? -2.241  3.189   -8.300  1.00 28.04 ? 179  PRO A O   1 
ATOM   294 C CB  . PRO A 1 36 ? -4.254  2.381   -10.715 1.00 29.08 ? 179  PRO A CB  1 
ATOM   295 C CG  . PRO A 1 36 ? -5.376  1.405   -10.642 1.00 29.23 ? 179  PRO A CG  1 
ATOM   296 C CD  . PRO A 1 36 ? -4.783  0.057   -10.578 1.00 28.83 ? 179  PRO A CD  1 
ATOM   297 N N   . LEU A 1 37 ? -3.777  1.690   -7.649  1.00 27.00 ? 180  LEU A N   1 
ATOM   298 C CA  . LEU A 1 37 ? -3.861  2.128   -6.257  1.00 26.41 ? 180  LEU A CA  1 
ATOM   299 C C   . LEU A 1 37 ? -2.596  1.779   -5.430  1.00 26.39 ? 180  LEU A C   1 
ATOM   300 O O   . LEU A 1 37 ? -2.043  2.621   -4.722  1.00 25.90 ? 180  LEU A O   1 
ATOM   301 C CB  . LEU A 1 37 ? -5.107  1.487   -5.640  1.00 26.53 ? 180  LEU A CB  1 
ATOM   302 C CG  . LEU A 1 37 ? -6.357  2.366   -5.449  1.00 28.32 ? 180  LEU A CG  1 
ATOM   303 C CD1 . LEU A 1 37 ? -6.556  3.332   -6.607  1.00 26.53 ? 180  LEU A CD1 1 
ATOM   304 C CD2 . LEU A 1 37 ? -7.565  1.547   -5.191  1.00 29.15 ? 180  LEU A CD2 1 
ATOM   305 N N   . LEU A 1 38 ? -2.190  0.516   -5.501  1.00 24.73 ? 181  LEU A N   1 
ATOM   306 C CA  . LEU A 1 38 ? -0.965  0.036   -4.924  1.00 24.88 ? 181  LEU A CA  1 
ATOM   307 C C   . LEU A 1 38 ? 0.233   0.739   -5.531  1.00 24.37 ? 181  LEU A C   1 
ATOM   308 O O   . LEU A 1 38 ? 1.145   1.106   -4.825  1.00 23.17 ? 181  LEU A O   1 
ATOM   309 C CB  . LEU A 1 38 ? -0.870  -1.469  -5.187  1.00 25.23 ? 181  LEU A CB  1 
ATOM   310 C CG  . LEU A 1 38 ? -0.653  -2.401  -4.013  1.00 29.78 ? 181  LEU A CG  1 
ATOM   311 C CD1 . LEU A 1 38 ? -1.480  -1.958  -2.837  1.00 30.78 ? 181  LEU A CD1 1 
ATOM   312 C CD2 . LEU A 1 38 ? -0.981  -3.865  -4.364  1.00 32.38 ? 181  LEU A CD2 1 
ATOM   313 N N   . ALA A 1 39 ? 0.245   0.914   -6.864  1.00 23.83 ? 182  ALA A N   1 
ATOM   314 C CA  . ALA A 1 39 ? 1.365   1.560   -7.517  1.00 23.96 ? 182  ALA A CA  1 
ATOM   315 C C   . ALA A 1 39 ? 1.593   2.983   -7.032  1.00 23.82 ? 182  ALA A C   1 
ATOM   316 O O   . ALA A 1 39 ? 2.736   3.355   -6.797  1.00 23.11 ? 182  ALA A O   1 
ATOM   317 C CB  . ALA A 1 39 ? 1.206   1.556   -9.060  1.00 24.30 ? 182  ALA A CB  1 
ATOM   318 N N   . GLU A 1 40 ? 0.524   3.782   -6.912  1.00 23.94 ? 183  GLU A N   1 
ATOM   319 C CA  . GLU A 1 40 ? 0.641   5.165   -6.419  1.00 23.50 ? 183  GLU A CA  1 
ATOM   320 C C   . GLU A 1 40 ? 1.044   5.173   -4.926  1.00 21.97 ? 183  GLU A C   1 
ATOM   321 O O   . GLU A 1 40 ? 1.788   6.032   -4.468  1.00 20.80 ? 183  GLU A O   1 
ATOM   322 C CB  . GLU A 1 40 ? -0.710  5.882   -6.543  1.00 24.93 ? 183  GLU A CB  1 
ATOM   323 C CG  . GLU A 1 40 ? -0.661  7.389   -6.158  1.00 30.14 ? 183  GLU A CG  1 
ATOM   324 C CD  . GLU A 1 40 ? 0.384   8.164   -6.986  1.00 38.42 ? 183  GLU A CD  1 
ATOM   325 O OE1 . GLU A 1 40 ? 0.550   7.841   -8.197  1.00 39.88 ? 183  GLU A OE1 1 
ATOM   326 O OE2 . GLU A 1 40 ? 1.048   9.073   -6.414  1.00 41.70 ? 183  GLU A OE2 1 
ATOM   327 N N   . LEU A 1 41 ? 0.505   4.224   -4.173  1.00 20.81 ? 184  LEU A N   1 
ATOM   328 C CA  . LEU A 1 41 ? 0.936   4.054   -2.790  1.00 19.05 ? 184  LEU A CA  1 
ATOM   329 C C   . LEU A 1 41 ? 2.471   3.876   -2.759  1.00 19.58 ? 184  LEU A C   1 
ATOM   330 O O   . LEU A 1 41 ? 3.172   4.625   -2.112  1.00 18.42 ? 184  LEU A O   1 
ATOM   331 C CB  . LEU A 1 41 ? 0.210   2.891   -2.155  1.00 18.83 ? 184  LEU A CB  1 
ATOM   332 C CG  . LEU A 1 41 ? 0.724   2.567   -0.737  1.00 14.07 ? 184  LEU A CG  1 
ATOM   333 C CD1 . LEU A 1 41 ? 0.597   3.741   0.167   1.00 17.07 ? 184  LEU A CD1 1 
ATOM   334 C CD2 . LEU A 1 41 ? -0.035  1.404   -0.261  1.00 17.05 ? 184  LEU A CD2 1 
ATOM   335 N N   . LEU A 1 42 ? 3.009   2.962   -3.553  1.00 21.08 ? 185  LEU A N   1 
ATOM   336 C CA  . LEU A 1 42 ? 4.427   2.720   -3.467  1.00 22.42 ? 185  LEU A CA  1 
ATOM   337 C C   . LEU A 1 42 ? 5.260   3.923   -3.886  1.00 21.81 ? 185  LEU A C   1 
ATOM   338 O O   . LEU A 1 42 ? 6.297   4.200   -3.265  1.00 20.98 ? 185  LEU A O   1 
ATOM   339 C CB  . LEU A 1 42 ? 4.804   1.424   -4.197  1.00 22.53 ? 185  LEU A CB  1 
ATOM   340 C CG  . LEU A 1 42 ? 6.110   0.758   -3.727  1.00 27.92 ? 185  LEU A CG  1 
ATOM   341 C CD1 . LEU A 1 42 ? 5.974   0.096   -2.328  1.00 28.98 ? 185  LEU A CD1 1 
ATOM   342 C CD2 . LEU A 1 42 ? 6.611   -0.284  -4.800  1.00 26.22 ? 185  LEU A CD2 1 
ATOM   343 N N   . ILE A 1 43 ? 4.839   4.622   -4.951  1.00 22.01 ? 186  ILE A N   1 
ATOM   344 C CA  . ILE A 1 43 ? 5.495   5.846   -5.399  1.00 23.39 ? 186  ILE A CA  1 
ATOM   345 C C   . ILE A 1 43 ? 5.496   6.906   -4.300  1.00 22.88 ? 186  ILE A C   1 
ATOM   346 O O   . ILE A 1 43 ? 6.504   7.507   -4.034  1.00 23.50 ? 186  ILE A O   1 
ATOM   347 C CB  . ILE A 1 43 ? 4.815   6.397   -6.655  1.00 24.03 ? 186  ILE A CB  1 
ATOM   348 C CG1 . ILE A 1 43 ? 5.181   5.524   -7.857  1.00 26.37 ? 186  ILE A CG1 1 
ATOM   349 C CG2 . ILE A 1 43 ? 5.192   7.838   -6.881  1.00 23.72 ? 186  ILE A CG2 1 
ATOM   350 C CD1 . ILE A 1 43 ? 4.352   5.856   -9.166  1.00 25.16 ? 186  ILE A CD1 1 
ATOM   351 N N   . SER A 1 44 ? 4.368   7.038   -3.622  1.00 22.62 ? 187  SER A N   1 
ATOM   352 C CA  . SER A 1 44 ? 4.190   7.977   -2.511  1.00 21.56 ? 187  SER A CA  1 
ATOM   353 C C   . SER A 1 44 ? 5.043   7.624   -1.274  1.00 19.96 ? 187  SER A C   1 
ATOM   354 O O   . SER A 1 44 ? 5.691   8.501   -0.706  1.00 20.51 ? 187  SER A O   1 
ATOM   355 C CB  . SER A 1 44 ? 2.705   8.126   -2.183  1.00 20.78 ? 187  SER A CB  1 
ATOM   356 O OG  . SER A 1 44 ? 2.232   7.034   -1.378  1.00 22.11 ? 187  SER A OG  1 
ATOM   357 N N   . ILE A 1 45 ? 5.075   6.360   -0.873  1.00 18.35 ? 188  ILE A N   1 
ATOM   358 C CA  . ILE A 1 45 ? 5.982   5.928   0.178   1.00 16.01 ? 188  ILE A CA  1 
ATOM   359 C C   . ILE A 1 45 ? 7.416   6.283   -0.168  1.00 17.95 ? 188  ILE A C   1 
ATOM   360 O O   . ILE A 1 45 ? 8.150   6.816   0.680   1.00 18.23 ? 188  ILE A O   1 
ATOM   361 C CB  . ILE A 1 45 ? 5.910   4.391   0.432   1.00 17.46 ? 188  ILE A CB  1 
ATOM   362 C CG1 . ILE A 1 45 ? 4.567   3.955   0.996   1.00 13.19 ? 188  ILE A CG1 1 
ATOM   363 C CG2 . ILE A 1 45 ? 7.085   3.916   1.277   1.00 13.23 ? 188  ILE A CG2 1 
ATOM   364 C CD1 . ILE A 1 45 ? 4.276   2.437   0.742   1.00 11.50 ? 188  ILE A CD1 1 
ATOM   365 N N   . ASN A 1 46 ? 7.839   6.000   -1.405  1.00 19.05 ? 189  ASN A N   1 
ATOM   366 C CA  . ASN A 1 46 ? 9.249   6.137   -1.794  1.00 20.39 ? 189  ASN A CA  1 
ATOM   367 C C   . ASN A 1 46 ? 9.660   7.621   -1.787  1.00 20.68 ? 189  ASN A C   1 
ATOM   368 O O   . ASN A 1 46 ? 10.839  7.975   -1.640  1.00 19.34 ? 189  ASN A O   1 
ATOM   369 C CB  . ASN A 1 46 ? 9.453   5.513   -3.200  1.00 21.09 ? 189  ASN A CB  1 
ATOM   370 C CG  . ASN A 1 46 ? 10.918  5.280   -3.562  1.00 28.57 ? 189  ASN A CG  1 
ATOM   371 O OD1 . ASN A 1 46 ? 11.401  5.692   -4.655  1.00 32.80 ? 189  ASN A OD1 1 
ATOM   372 N ND2 . ASN A 1 46 ? 11.636  4.573   -2.682  1.00 30.96 ? 189  ASN A ND2 1 
ATOM   373 N N   . ARG A 1 47 ? 8.667   8.494   -1.957  1.00 20.14 ? 190  ARG A N   1 
ATOM   374 C CA  . ARG A 1 47 ? 8.904   9.928   -1.979  1.00 21.69 ? 190  ARG A CA  1 
ATOM   375 C C   . ARG A 1 47 ? 9.228   10.364  -0.553  1.00 19.37 ? 190  ARG A C   1 
ATOM   376 O O   . ARG A 1 47 ? 10.096  11.232  -0.339  1.00 20.19 ? 190  ARG A O   1 
ATOM   377 C CB  . ARG A 1 47 ? 7.671   10.644  -2.556  1.00 20.37 ? 190  ARG A CB  1 
ATOM   378 C CG  . ARG A 1 47 ? 7.946   11.948  -3.267  1.00 26.33 ? 190  ARG A CG  1 
ATOM   379 C CD  . ARG A 1 47 ? 6.628   12.572  -3.795  1.00 26.26 ? 190  ARG A CD  1 
ATOM   380 N NE  . ARG A 1 47 ? 6.032   11.865  -4.937  1.00 34.16 ? 190  ARG A NE  1 
ATOM   381 C CZ  . ARG A 1 47 ? 4.786   11.371  -4.958  1.00 38.52 ? 190  ARG A CZ  1 
ATOM   382 N NH1 . ARG A 1 47 ? 3.961   11.472  -3.881  1.00 38.91 ? 190  ARG A NH1 1 
ATOM   383 N NH2 . ARG A 1 47 ? 4.362   10.759  -6.054  1.00 38.57 ? 190  ARG A NH2 1 
ATOM   384 N N   . VAL A 1 48 ? 8.578   9.750   0.422   1.00 18.80 ? 191  VAL A N   1 
ATOM   385 C CA  . VAL A 1 48 ? 8.993   9.999   1.794   1.00 18.74 ? 191  VAL A CA  1 
ATOM   386 C C   . VAL A 1 48 ? 10.375  9.434   2.275   1.00 20.40 ? 191  VAL A C   1 
ATOM   387 O O   . VAL A 1 48 ? 11.202  10.153  2.899   1.00 19.71 ? 191  VAL A O   1 
ATOM   388 C CB  . VAL A 1 48 ? 7.846   9.945   2.823   1.00 19.41 ? 191  VAL A CB  1 
ATOM   389 C CG1 . VAL A 1 48 ? 6.498   9.660   2.259   1.00 16.25 ? 191  VAL A CG1 1 
ATOM   390 C CG2 . VAL A 1 48 ? 8.205   9.343   4.168   1.00 19.93 ? 191  VAL A CG2 1 
ATOM   391 N N   . THR A 1 49 ? 10.613  8.155   2.006   1.00 20.69 ? 192  THR A N   1 
ATOM   392 C CA  . THR A 1 49 ? 11.833  7.459   2.407   1.00 20.27 ? 192  THR A CA  1 
ATOM   393 C C   . THR A 1 49 ? 12.024  6.249   1.509   1.00 20.85 ? 192  THR A C   1 
ATOM   394 O O   . THR A 1 49 ? 11.059  5.568   1.170   1.00 20.05 ? 192  THR A O   1 
ATOM   395 C CB  . THR A 1 49 ? 11.791  7.002   3.869   1.00 20.59 ? 192  THR A CB  1 
ATOM   396 O OG1 . THR A 1 49 ? 13.037  6.420   4.194   1.00 21.34 ? 192  THR A OG1 1 
ATOM   397 C CG2 . THR A 1 49 ? 10.698  5.969   4.139   1.00 19.55 ? 192  THR A CG2 1 
ATOM   398 N N   . ARG A 1 50 ? 13.271  5.963   1.141   1.00 22.01 ? 193  ARG A N   1 
ATOM   399 C CA  . ARG A 1 50 ? 13.596  4.716   0.444   1.00 22.00 ? 193  ARG A CA  1 
ATOM   400 C C   . ARG A 1 50 ? 13.974  3.567   1.427   1.00 21.40 ? 193  ARG A C   1 
ATOM   401 O O   . ARG A 1 50 ? 14.273  2.412   1.026   1.00 21.23 ? 193  ARG A O   1 
ATOM   402 C CB  . ARG A 1 50 ? 14.658  5.027   -0.612  1.00 24.68 ? 193  ARG A CB  1 
ATOM   403 C CG  . ARG A 1 50 ? 14.176  6.191   -1.525  1.00 29.82 ? 193  ARG A CG  1 
ATOM   404 C CD  . ARG A 1 50 ? 15.199  6.656   -2.526  1.00 40.17 ? 193  ARG A CD  1 
ATOM   405 N NE  . ARG A 1 50 ? 15.451  8.095   -2.389  1.00 46.32 ? 193  ARG A NE  1 
ATOM   406 C CZ  . ARG A 1 50 ? 16.146  8.833   -3.264  1.00 48.60 ? 193  ARG A CZ  1 
ATOM   407 N NH1 . ARG A 1 50 ? 16.639  8.282   -4.376  1.00 49.60 ? 193  ARG A NH1 1 
ATOM   408 N NH2 . ARG A 1 50 ? 16.335  10.137  -3.035  1.00 49.64 ? 193  ARG A NH2 1 
ATOM   409 N N   . ASP A 1 51 ? 13.902  3.861   2.716   1.00 19.33 ? 194  ASP A N   1 
ATOM   410 C CA  . ASP A 1 51 ? 14.211  2.853   3.723   1.00 18.63 ? 194  ASP A CA  1 
ATOM   411 C C   . ASP A 1 51 ? 13.309  1.652   3.550   1.00 17.94 ? 194  ASP A C   1 
ATOM   412 O O   . ASP A 1 51 ? 12.095  1.789   3.425   1.00 17.95 ? 194  ASP A O   1 
ATOM   413 C CB  . ASP A 1 51 ? 14.097  3.394   5.149   1.00 17.01 ? 194  ASP A CB  1 
ATOM   414 C CG  . ASP A 1 51 ? 15.066  4.519   5.424   1.00 20.95 ? 194  ASP A CG  1 
ATOM   415 O OD1 . ASP A 1 51 ? 16.010  4.805   4.614   1.00 16.82 ? 194  ASP A OD1 1 
ATOM   416 O OD2 . ASP A 1 51 ? 14.866  5.141   6.475   1.00 21.14 ? 194  ASP A OD2 1 
ATOM   417 N N   . ASP A 1 52 ? 13.907  0.460   3.598   1.00 17.39 ? 195  ASP A N   1 
ATOM   418 C CA  . ASP A 1 52 ? 13.176  -0.790  3.481   1.00 17.35 ? 195  ASP A CA  1 
ATOM   419 C C   . ASP A 1 52 ? 12.641  -1.183  4.828   1.00 17.95 ? 195  ASP A C   1 
ATOM   420 O O   . ASP A 1 52 ? 13.092  -2.174  5.406   1.00 18.59 ? 195  ASP A O   1 
ATOM   421 C CB  . ASP A 1 52 ? 14.131  -1.850  2.996   1.00 16.75 ? 195  ASP A CB  1 
ATOM   422 C CG  . ASP A 1 52 ? 13.413  -3.118  2.503   1.00 20.86 ? 195  ASP A CG  1 
ATOM   423 O OD1 . ASP A 1 52 ? 12.189  -3.094  2.165   1.00 22.84 ? 195  ASP A OD1 1 
ATOM   424 O OD2 . ASP A 1 52 ? 14.109  -4.158  2.431   1.00 25.89 ? 195  ASP A OD2 1 
ATOM   425 N N   . PHE A 1 53 ? 11.667  -0.426  5.321   1.00 18.47 ? 196  PHE A N   1 
ATOM   426 C CA  . PHE A 1 53 ? 11.071  -0.637  6.640   1.00 17.41 ? 196  PHE A CA  1 
ATOM   427 C C   . PHE A 1 53 ? 10.282  -1.938  6.736   1.00 18.00 ? 196  PHE A C   1 
ATOM   428 O O   . PHE A 1 53 ? 9.923   -2.528  5.727   1.00 16.47 ? 196  PHE A O   1 
ATOM   429 C CB  . PHE A 1 53 ? 10.186  0.562   7.036   1.00 18.61 ? 196  PHE A CB  1 
ATOM   430 C CG  . PHE A 1 53 ? 9.071   0.852   6.077   1.00 18.09 ? 196  PHE A CG  1 
ATOM   431 C CD1 . PHE A 1 53 ? 7.821   0.231   6.222   1.00 19.74 ? 196  PHE A CD1 1 
ATOM   432 C CD2 . PHE A 1 53 ? 9.226   1.808   5.094   1.00 17.32 ? 196  PHE A CD2 1 
ATOM   433 C CE1 . PHE A 1 53 ? 6.792   0.501   5.349   1.00 18.91 ? 196  PHE A CE1 1 
ATOM   434 C CE2 . PHE A 1 53 ? 8.185   2.107   4.229   1.00 18.08 ? 196  PHE A CE2 1 
ATOM   435 C CZ  . PHE A 1 53 ? 6.989   1.440   4.335   1.00 18.65 ? 196  PHE A CZ  1 
ATOM   436 N N   . GLU A 1 54 ? 10.002  -2.397  7.950   1.00 17.99 ? 197  GLU A N   1 
ATOM   437 C CA  . GLU A 1 54 ? 9.282   -3.682  8.062   1.00 20.63 ? 197  GLU A CA  1 
ATOM   438 C C   . GLU A 1 54 ? 7.966   -3.679  7.279   1.00 21.62 ? 197  GLU A C   1 
ATOM   439 O O   . GLU A 1 54 ? 7.217   -2.712  7.342   1.00 22.97 ? 197  GLU A O   1 
ATOM   440 C CB  . GLU A 1 54 ? 9.016   -4.063  9.531   1.00 21.89 ? 197  GLU A CB  1 
ATOM   441 C CG  . GLU A 1 54 ? 8.733   -5.533  9.646   1.00 25.56 ? 197  GLU A CG  1 
ATOM   442 C CD  . GLU A 1 54 ? 8.562   -5.995  11.046  1.00 30.94 ? 197  GLU A CD  1 
ATOM   443 O OE1 . GLU A 1 54 ? 8.636   -5.168  12.000  1.00 32.37 ? 197  GLU A OE1 1 
ATOM   444 O OE2 . GLU A 1 54 ? 8.387   -7.223  11.184  1.00 35.89 ? 197  GLU A OE2 1 
ATOM   445 N N   . ASN A 1 55 ? 7.722   -4.759  6.522   1.00 22.28 ? 198  ASN A N   1 
ATOM   446 C CA  . ASN A 1 55 ? 6.502   -5.062  5.789   1.00 23.21 ? 198  ASN A CA  1 
ATOM   447 C C   . ASN A 1 55 ? 6.384   -4.377  4.446   1.00 23.22 ? 198  ASN A C   1 
ATOM   448 O O   . ASN A 1 55 ? 5.410   -4.621  3.764   1.00 23.69 ? 198  ASN A O   1 
ATOM   449 C CB  . ASN A 1 55 ? 5.219   -4.802  6.573   1.00 22.41 ? 198  ASN A CB  1 
ATOM   450 C CG  . ASN A 1 55 ? 5.231   -5.436  7.989   1.00 26.81 ? 198  ASN A CG  1 
ATOM   451 O OD1 . ASN A 1 55 ? 5.404   -4.729  8.984   1.00 28.75 ? 198  ASN A OD1 1 
ATOM   452 N ND2 . ASN A 1 55 ? 5.051   -6.750  8.066   1.00 25.33 ? 198  ASN A ND2 1 
ATOM   453 N N   . ARG A 1 56 ? 7.300   -3.470  4.128   1.00 22.74 ? 199  ARG A N   1 
ATOM   454 C CA  . ARG A 1 56 ? 7.311   -2.792  2.819   1.00 23.13 ? 199  ARG A CA  1 
ATOM   455 C C   . ARG A 1 56 ? 7.454   -3.757  1.640   1.00 24.83 ? 199  ARG A C   1 
ATOM   456 O O   . ARG A 1 56 ? 6.868   -3.535  0.563   1.00 25.60 ? 199  ARG A O   1 
ATOM   457 C CB  . ARG A 1 56 ? 8.394   -1.700  2.773   1.00 22.64 ? 199  ARG A CB  1 
ATOM   458 C CG  . ARG A 1 56 ? 8.624   -1.037  1.370   1.00 23.01 ? 199  ARG A CG  1 
ATOM   459 C CD  . ARG A 1 56 ? 9.673   0.084   1.385   1.00 21.71 ? 199  ARG A CD  1 
ATOM   460 N NE  . ARG A 1 56 ? 9.703   0.884   0.131   1.00 24.58 ? 199  ARG A NE  1 
ATOM   461 C CZ  . ARG A 1 56 ? 10.066  2.186   0.026   1.00 25.91 ? 199  ARG A CZ  1 
ATOM   462 N NH1 . ARG A 1 56 ? 10.474  2.872   1.099   1.00 17.72 ? 199  ARG A NH1 1 
ATOM   463 N NH2 . ARG A 1 56 ? 10.044  2.824   -1.184  1.00 26.88 ? 199  ARG A NH2 1 
ATOM   464 N N   . SER A 1 57 ? 8.288   -4.790  1.819   1.00 25.85 ? 200  SER A N   1 
ATOM   465 C CA  . SER A 1 57 ? 8.537   -5.805  0.798   1.00 26.80 ? 200  SER A CA  1 
ATOM   466 C C   . SER A 1 57 ? 7.270   -6.601  0.467   1.00 26.87 ? 200  SER A C   1 
ATOM   467 O O   . SER A 1 57 ? 7.076   -6.946  -0.666  1.00 26.69 ? 200  SER A O   1 
ATOM   468 C CB  . SER A 1 57 ? 9.605   -6.782  1.286   1.00 26.61 ? 200  SER A CB  1 
ATOM   469 O OG  . SER A 1 57 ? 9.101   -7.412  2.470   1.00 29.09 ? 200  SER A OG  1 
ATOM   470 N N   . LYS A 1 58 ? 6.437   -6.889  1.460   1.00 26.99 ? 201  LYS A N   1 
ATOM   471 C CA  . LYS A 1 58 ? 5.124   -7.522  1.260   1.00 28.64 ? 201  LYS A CA  1 
ATOM   472 C C   . LYS A 1 58 ? 4.280   -6.754  0.220   1.00 28.32 ? 201  LYS A C   1 
ATOM   473 O O   . LYS A 1 58 ? 3.606   -7.354  -0.643  1.00 27.35 ? 201  LYS A O   1 
ATOM   474 C CB  . LYS A 1 58 ? 4.340   -7.603  2.583   1.00 29.84 ? 201  LYS A CB  1 
ATOM   475 C CG  . LYS A 1 58 ? 4.899   -8.512  3.663   1.00 35.59 ? 201  LYS A CG  1 
ATOM   476 C CD  . LYS A 1 58 ? 4.950   -10.002 3.234   1.00 43.00 ? 201  LYS A CD  1 
ATOM   477 C CE  . LYS A 1 58 ? 5.852   -10.867 4.177   1.00 41.09 ? 201  LYS A CE  1 
ATOM   478 N NZ  . LYS A 1 58 ? 6.035   -12.323 3.725   1.00 42.87 ? 201  LYS A NZ  1 
ATOM   479 N N   . LEU A 1 59 ? 4.369   -5.425  0.275   1.00 26.55 ? 202  LEU A N   1 
ATOM   480 C CA  . LEU A 1 59 ? 3.609   -4.582  -0.611  1.00 25.65 ? 202  LEU A CA  1 
ATOM   481 C C   . LEU A 1 59 ? 4.050   -4.802  -2.041  1.00 25.88 ? 202  LEU A C   1 
ATOM   482 O O   . LEU A 1 59 ? 3.218   -4.900  -2.932  1.00 24.83 ? 202  LEU A O   1 
ATOM   483 C CB  . LEU A 1 59 ? 3.770   -3.115  -0.215  1.00 25.60 ? 202  LEU A CB  1 
ATOM   484 C CG  . LEU A 1 59 ? 2.726   -2.449  0.683   1.00 25.04 ? 202  LEU A CG  1 
ATOM   485 C CD1 . LEU A 1 59 ? 2.201   -3.336  1.814   1.00 25.20 ? 202  LEU A CD1 1 
ATOM   486 C CD2 . LEU A 1 59 ? 3.240   -1.069  1.170   1.00 29.72 ? 202  LEU A CD2 1 
ATOM   487 N N   . ILE A 1 60 ? 5.364   -4.875  -2.239  1.00 26.77 ? 203  ILE A N   1 
ATOM   488 C CA  . ILE A 1 60 ? 5.935   -5.217  -3.540  1.00 28.20 ? 203  ILE A CA  1 
ATOM   489 C C   . ILE A 1 60 ? 5.464   -6.609  -3.987  1.00 28.34 ? 203  ILE A C   1 
ATOM   490 O O   . ILE A 1 60 ? 5.075   -6.780  -5.137  1.00 28.16 ? 203  ILE A O   1 
ATOM   491 C CB  . ILE A 1 60 ? 7.476   -5.135  -3.557  1.00 28.36 ? 203  ILE A CB  1 
ATOM   492 C CG1 . ILE A 1 60 ? 7.925   -3.728  -3.159  1.00 30.11 ? 203  ILE A CG1 1 
ATOM   493 C CG2 . ILE A 1 60 ? 7.998   -5.405  -4.984  1.00 27.97 ? 203  ILE A CG2 1 
ATOM   494 C CD1 . ILE A 1 60 ? 9.313   -3.673  -2.600  1.00 34.06 ? 203  ILE A CD1 1 
ATOM   495 N N   . ASP A 1 61 ? 5.476   -7.568  -3.056  1.00 27.94 ? 204  ASP A N   1 
ATOM   496 C CA  . ASP A 1 61 ? 4.997   -8.934  -3.290  1.00 28.29 ? 204  ASP A CA  1 
ATOM   497 C C   . ASP A 1 61 ? 3.570   -8.923  -3.814  1.00 27.82 ? 204  ASP A C   1 
ATOM   498 O O   . ASP A 1 61 ? 3.265   -9.636  -4.750  1.00 28.08 ? 204  ASP A O   1 
ATOM   499 C CB  . ASP A 1 61 ? 5.046   -9.746  -1.995  1.00 27.80 ? 204  ASP A CB  1 
ATOM   500 C CG  . ASP A 1 61 ? 6.480   -10.153 -1.593  1.00 30.89 ? 204  ASP A CG  1 
ATOM   501 O OD1 . ASP A 1 61 ? 7.423   -9.964  -2.378  1.00 30.84 ? 204  ASP A OD1 1 
ATOM   502 O OD2 . ASP A 1 61 ? 6.659   -10.674 -0.466  1.00 33.77 ? 204  ASP A OD2 1 
ATOM   503 N N   . TRP A 1 62 ? 2.699   -8.129  -3.188  1.00 28.04 ? 205  TRP A N   1 
ATOM   504 C CA  . TRP A 1 62 ? 1.294   -8.022  -3.597  1.00 27.81 ? 205  TRP A CA  1 
ATOM   505 C C   . TRP A 1 62 ? 1.122   -7.378  -4.951  1.00 28.48 ? 205  TRP A C   1 
ATOM   506 O O   . TRP A 1 62 ? 0.322   -7.859  -5.743  1.00 28.79 ? 205  TRP A O   1 
ATOM   507 C CB  . TRP A 1 62 ? 0.474   -7.269  -2.573  1.00 26.47 ? 205  TRP A CB  1 
ATOM   508 C CG  . TRP A 1 62 ? 0.035   -8.106  -1.438  1.00 25.39 ? 205  TRP A CG  1 
ATOM   509 C CD1 . TRP A 1 62 ? 0.477   -8.029  -0.154  1.00 25.25 ? 205  TRP A CD1 1 
ATOM   510 C CD2 . TRP A 1 62 ? -0.964  -9.137  -1.457  1.00 25.12 ? 205  TRP A CD2 1 
ATOM   511 N NE1 . TRP A 1 62 ? -0.172  -8.960  0.641   1.00 23.17 ? 205  TRP A NE1 1 
ATOM   512 C CE2 . TRP A 1 62 ? -1.069  -9.645  -0.130  1.00 24.75 ? 205  TRP A CE2 1 
ATOM   513 C CE3 . TRP A 1 62 ? -1.783  -9.686  -2.455  1.00 26.35 ? 205  TRP A CE3 1 
ATOM   514 C CZ2 . TRP A 1 62 ? -1.960  -10.664 0.217   1.00 25.53 ? 205  TRP A CZ2 1 
ATOM   515 C CZ3 . TRP A 1 62 ? -2.677  -10.701 -2.103  1.00 25.09 ? 205  TRP A CZ3 1 
ATOM   516 C CH2 . TRP A 1 62 ? -2.747  -11.185 -0.782  1.00 26.41 ? 205  TRP A CH2 1 
ATOM   517 N N   . ILE A 1 63 ? 1.859   -6.292  -5.204  1.00 29.11 ? 206  ILE A N   1 
ATOM   518 C CA  . ILE A 1 63 ? 1.919   -5.647  -6.520  1.00 31.64 ? 206  ILE A CA  1 
ATOM   519 C C   . ILE A 1 63 ? 2.284   -6.632  -7.632  1.00 32.59 ? 206  ILE A C   1 
ATOM   520 O O   . ILE A 1 63 ? 1.662   -6.605  -8.696  1.00 33.80 ? 206  ILE A O   1 
ATOM   521 C CB  . ILE A 1 63 ? 2.952   -4.508  -6.573  1.00 31.53 ? 206  ILE A CB  1 
ATOM   522 C CG1 . ILE A 1 63 ? 2.471   -3.298  -5.758  1.00 32.99 ? 206  ILE A CG1 1 
ATOM   523 C CG2 . ILE A 1 63 ? 3.197   -4.108  -7.991  1.00 31.60 ? 206  ILE A CG2 1 
ATOM   524 C CD1 . ILE A 1 63 ? 3.433   -2.033  -5.767  1.00 32.08 ? 206  ILE A CD1 1 
ATOM   525 N N   . VAL A 1 64 ? 3.299   -7.473  -7.406  1.00 34.02 ? 207  VAL A N   1 
ATOM   526 C CA  . VAL A 1 64 ? 3.714   -8.473  -8.414  1.00 35.42 ? 207  VAL A CA  1 
ATOM   527 C C   . VAL A 1 64 ? 2.634   -9.554  -8.592  1.00 35.87 ? 207  VAL A C   1 
ATOM   528 O O   . VAL A 1 64 ? 2.322   -9.928  -9.724  1.00 36.24 ? 207  VAL A O   1 
ATOM   529 C CB  . VAL A 1 64 ? 5.138   -9.097  -8.155  1.00 35.46 ? 207  VAL A CB  1 
ATOM   530 C CG1 . VAL A 1 64 ? 6.214   -8.017  -8.112  1.00 35.86 ? 207  VAL A CG1 1 
ATOM   531 C CG2 . VAL A 1 64 ? 5.176   -9.880  -6.868  1.00 37.12 ? 207  VAL A CG2 1 
ATOM   532 N N   . ARG A 1 65 ? 2.047   -10.004 -7.482  1.00 36.10 ? 208  ARG A N   1 
ATOM   533 C CA  . ARG A 1 65 ? 0.922   -10.946 -7.497  1.00 37.44 ? 208  ARG A CA  1 
ATOM   534 C C   . ARG A 1 65 ? -0.270  -10.410 -8.272  1.00 37.45 ? 208  ARG A C   1 
ATOM   535 O O   . ARG A 1 65 ? -0.762  -11.054 -9.208  1.00 38.11 ? 208  ARG A O   1 
ATOM   536 C CB  . ARG A 1 65 ? 0.479   -11.331 -6.066  1.00 37.05 ? 208  ARG A CB  1 
ATOM   537 C CG  . ARG A 1 65 ? -0.833  -12.154 -6.009  1.00 38.41 ? 208  ARG A CG  1 
ATOM   538 C CD  . ARG A 1 65 ? -0.943  -13.006 -4.737  1.00 39.14 ? 208  ARG A CD  1 
ATOM   539 N NE  . ARG A 1 65 ? -0.021  -14.152 -4.777  1.00 47.70 ? 208  ARG A NE  1 
ATOM   540 C CZ  . ARG A 1 65 ? -0.375  -15.439 -4.671  1.00 50.24 ? 208  ARG A CZ  1 
ATOM   541 N NH1 . ARG A 1 65 ? -1.647  -15.780 -4.481  1.00 50.84 ? 208  ARG A NH1 1 
ATOM   542 N NH2 . ARG A 1 65 ? 0.553   -16.396 -4.733  1.00 51.27 ? 208  ARG A NH2 1 
ATOM   543 N N   . ILE A 1 66 ? -0.736  -9.231  -7.878  1.00 37.76 ? 209  ILE A N   1 
ATOM   544 C CA  . ILE A 1 66 ? -1.907  -8.612  -8.489  1.00 37.49 ? 209  ILE A CA  1 
ATOM   545 C C   . ILE A 1 66 ? -1.646  -8.383  -9.967  1.00 39.15 ? 209  ILE A C   1 
ATOM   546 O O   . ILE A 1 66 ? -2.530  -8.612  -10.780 1.00 39.00 ? 209  ILE A O   1 
ATOM   547 C CB  . ILE A 1 66 ? -2.318  -7.326  -7.726  1.00 36.94 ? 209  ILE A CB  1 
ATOM   548 C CG1 . ILE A 1 66 ? -2.931  -7.714  -6.378  1.00 35.90 ? 209  ILE A CG1 1 
ATOM   549 C CG2 . ILE A 1 66 ? -3.264  -6.467  -8.511  1.00 34.51 ? 209  ILE A CG2 1 
ATOM   550 C CD1 . ILE A 1 66 ? -3.079  -6.540  -5.408  1.00 33.50 ? 209  ILE A CD1 1 
ATOM   551 N N   . ASN A 1 67 ? -0.418  -7.988  -10.319 1.00 40.79 ? 210  ASN A N   1 
ATOM   552 C CA  . ASN A 1 67 ? -0.014  -7.769  -11.718 1.00 42.39 ? 210  ASN A CA  1 
ATOM   553 C C   . ASN A 1 67 ? -0.148  -9.036  -12.593 1.00 43.14 ? 210  ASN A C   1 
ATOM   554 O O   . ASN A 1 67 ? -0.250  -8.960  -13.822 1.00 42.81 ? 210  ASN A O   1 
ATOM   555 C CB  . ASN A 1 67 ? 1.430   -7.234  -11.766 1.00 43.01 ? 210  ASN A CB  1 
ATOM   556 C CG  . ASN A 1 67 ? 1.822   -6.645  -13.127 1.00 46.66 ? 210  ASN A CG  1 
ATOM   557 O OD1 . ASN A 1 67 ? 2.804   -7.091  -13.756 1.00 50.06 ? 210  ASN A OD1 1 
ATOM   558 N ND2 . ASN A 1 67 ? 1.073   -5.635  -13.583 1.00 49.12 ? 210  ASN A ND2 1 
ATOM   559 N N   . LYS A 1 68 ? -0.149  -10.197 -11.955 1.00 44.02 ? 211  LYS A N   1 
ATOM   560 C CA  . LYS A 1 68 ? -0.155  -11.459 -12.680 1.00 45.26 ? 211  LYS A CA  1 
ATOM   561 C C   . LYS A 1 68 ? -1.577  -11.918 -13.038 1.00 45.53 ? 211  LYS A C   1 
ATOM   562 O O   . LYS A 1 68 ? -1.763  -12.767 -13.916 1.00 45.65 ? 211  LYS A O   1 
ATOM   563 C CB  . LYS A 1 68 ? 0.624   -12.532 -11.900 1.00 45.27 ? 211  LYS A CB  1 
ATOM   564 C CG  . LYS A 1 68 ? 2.150   -12.379 -12.021 1.00 45.45 ? 211  LYS A CG  1 
ATOM   565 C CD  . LYS A 1 68 ? 2.918   -13.189 -10.953 1.00 46.09 ? 211  LYS A CD  1 
ATOM   566 C CE  . LYS A 1 68 ? 4.437   -13.049 -11.141 1.00 46.45 ? 211  LYS A CE  1 
ATOM   567 N NZ  . LYS A 1 68 ? 5.228   -13.911 -10.212 1.00 48.88 ? 211  LYS A NZ  1 
ATOM   568 N N   . LEU A 1 69 ? -2.564  -11.338 -12.360 1.00 45.47 ? 212  LEU A N   1 
ATOM   569 C CA  . LEU A 1 69 ? -3.973  -11.589 -12.623 1.00 45.50 ? 212  LEU A CA  1 
ATOM   570 C C   . LEU A 1 69 ? -4.336  -11.335 -14.075 1.00 46.10 ? 212  LEU A C   1 
ATOM   571 O O   . LEU A 1 69 ? -3.871  -10.358 -14.682 1.00 46.31 ? 212  LEU A O   1 
ATOM   572 C CB  . LEU A 1 69 ? -4.846  -10.700 -11.737 1.00 45.06 ? 212  LEU A CB  1 
ATOM   573 C CG  . LEU A 1 69 ? -5.475  -11.215 -10.447 1.00 45.05 ? 212  LEU A CG  1 
ATOM   574 C CD1 . LEU A 1 69 ? -4.551  -12.116 -9.676  1.00 46.53 ? 212  LEU A CD1 1 
ATOM   575 C CD2 . LEU A 1 69 ? -5.892  -10.015 -9.612  1.00 45.35 ? 212  LEU A CD2 1 
ATOM   576 N N   . SER A 1 70 ? -5.164  -12.238 -14.611 1.00 46.36 ? 213  SER A N   1 
ATOM   577 C CA  . SER A 1 70 ? -5.830  -12.079 -15.903 1.00 46.65 ? 213  SER A CA  1 
ATOM   578 C C   . SER A 1 70 ? -6.977  -11.088 -15.771 1.00 46.46 ? 213  SER A C   1 
ATOM   579 O O   . SER A 1 70 ? -7.546  -10.944 -14.700 1.00 45.86 ? 213  SER A O   1 
ATOM   580 C CB  . SER A 1 70 ? -6.386  -13.434 -16.355 1.00 46.69 ? 213  SER A CB  1 
ATOM   581 O OG  . SER A 1 70 ? -5.325  -14.322 -16.659 1.00 48.18 ? 213  SER A OG  1 
ATOM   582 N N   . ILE A 1 71 ? -7.338  -10.415 -16.855 1.00 47.17 ? 214  ILE A N   1 
ATOM   583 C CA  . ILE A 1 71 ? -8.494  -9.499  -16.799 1.00 48.31 ? 214  ILE A CA  1 
ATOM   584 C C   . ILE A 1 71 ? -9.752  -10.268 -16.385 1.00 48.45 ? 214  ILE A C   1 
ATOM   585 O O   . ILE A 1 71 ? -10.026 -11.344 -16.904 1.00 48.60 ? 214  ILE A O   1 
ATOM   586 C CB  . ILE A 1 71 ? -8.647  -8.630  -18.095 1.00 48.17 ? 214  ILE A CB  1 
ATOM   587 C CG1 . ILE A 1 71 ? -8.137  -9.367  -19.334 1.00 49.46 ? 214  ILE A CG1 1 
ATOM   588 C CG2 . ILE A 1 71 ? -7.803  -7.380  -17.976 1.00 49.44 ? 214  ILE A CG2 1 
ATOM   589 C CD1 . ILE A 1 71 ? -7.329  -8.499  -20.318 1.00 47.04 ? 214  ILE A CD1 1 
ATOM   590 N N   . GLY A 1 72 ? -10.467 -9.773  -15.381 1.00 49.35 ? 215  GLY A N   1 
ATOM   591 C CA  . GLY A 1 72 ? -11.643 -10.495 -14.882 1.00 49.75 ? 215  GLY A CA  1 
ATOM   592 C C   . GLY A 1 72 ? -11.351 -11.480 -13.761 1.00 50.28 ? 215  GLY A C   1 
ATOM   593 O O   . GLY A 1 72 ? -12.243 -11.779 -12.954 1.00 50.21 ? 215  GLY A O   1 
ATOM   594 N N   . ASP A 1 73 ? -10.117 -12.000 -13.732 1.00 49.89 ? 216  ASP A N   1 
ATOM   595 C CA  . ASP A 1 73 ? -9.530  -12.675 -12.565 1.00 49.13 ? 216  ASP A CA  1 
ATOM   596 C C   . ASP A 1 73 ? -9.517  -11.644 -11.414 1.00 48.29 ? 216  ASP A C   1 
ATOM   597 O O   . ASP A 1 73 ? -9.156  -10.471 -11.622 1.00 47.77 ? 216  ASP A O   1 
ATOM   598 C CB  . ASP A 1 73 ? -8.091  -13.103 -12.919 1.00 49.82 ? 216  ASP A CB  1 
ATOM   599 C CG  . ASP A 1 73 ? -7.561  -14.295 -12.105 1.00 51.67 ? 216  ASP A CG  1 
ATOM   600 O OD1 . ASP A 1 73 ? -6.523  -14.877 -12.543 1.00 52.58 ? 216  ASP A OD1 1 
ATOM   601 O OD2 . ASP A 1 73 ? -8.135  -14.645 -11.041 1.00 53.54 ? 216  ASP A OD2 1 
ATOM   602 N N   . THR A 1 74 ? -9.951  -12.080 -10.228 1.00 46.54 ? 217  THR A N   1 
ATOM   603 C CA  . THR A 1 74 ? -9.950  -11.245 -9.024  1.00 45.39 ? 217  THR A CA  1 
ATOM   604 C C   . THR A 1 74 ? -9.099  -11.848 -7.890  1.00 44.66 ? 217  THR A C   1 
ATOM   605 O O   . THR A 1 74 ? -8.704  -13.030 -7.938  1.00 44.26 ? 217  THR A O   1 
ATOM   606 C CB  . THR A 1 74 ? -11.374 -10.998 -8.490  1.00 45.19 ? 217  THR A CB  1 
ATOM   607 O OG1 . THR A 1 74 ? -11.957 -12.239 -8.089  1.00 44.84 ? 217  THR A OG1 1 
ATOM   608 C CG2 . THR A 1 74 ? -12.249 -10.344 -9.554  1.00 45.43 ? 217  THR A CG2 1 
ATOM   609 N N   . LEU A 1 75 ? -8.805  -11.031 -6.883  1.00 43.05 ? 218  LEU A N   1 
ATOM   610 C CA  . LEU A 1 75 ? -8.302  -11.547 -5.620  1.00 42.08 ? 218  LEU A CA  1 
ATOM   611 C C   . LEU A 1 75 ? -9.454  -12.234 -4.866  1.00 42.01 ? 218  LEU A C   1 
ATOM   612 O O   . LEU A 1 75 ? -10.612 -11.792 -4.909  1.00 41.61 ? 218  LEU A O   1 
ATOM   613 C CB  . LEU A 1 75 ? -7.647  -10.426 -4.780  1.00 41.46 ? 218  LEU A CB  1 
ATOM   614 C CG  . LEU A 1 75 ? -6.100  -10.328 -4.666  1.00 40.90 ? 218  LEU A CG  1 
ATOM   615 C CD1 . LEU A 1 75 ? -5.270  -10.761 -5.886  1.00 38.53 ? 218  LEU A CD1 1 
ATOM   616 C CD2 . LEU A 1 75 ? -5.656  -8.928  -4.219  1.00 38.30 ? 218  LEU A CD2 1 
ATOM   617 N N   . THR A 1 76 ? -9.127  -13.323 -4.182  1.00 41.80 ? 219  THR A N   1 
ATOM   618 C CA  . THR A 1 76 ? -10.106 -14.058 -3.399  1.00 42.03 ? 219  THR A CA  1 
ATOM   619 C C   . THR A 1 76 ? -10.451 -13.284 -2.130  1.00 42.04 ? 219  THR A C   1 
ATOM   620 O O   . THR A 1 76 ? -9.646  -12.491 -1.630  1.00 41.23 ? 219  THR A O   1 
ATOM   621 C CB  . THR A 1 76 ? -9.584  -15.476 -3.055  1.00 42.16 ? 219  THR A CB  1 
ATOM   622 O OG1 . THR A 1 76 ? -10.701 -16.363 -2.873  1.00 44.85 ? 219  THR A OG1 1 
ATOM   623 C CG2 . THR A 1 76 ? -8.733  -15.467 -1.795  1.00 39.90 ? 219  THR A CG2 1 
ATOM   624 N N   . GLU A 1 77 ? -11.637 -13.535 -1.603  1.00 42.49 ? 220  GLU A N   1 
ATOM   625 C CA  . GLU A 1 77 ? -12.078 -12.895 -0.390  1.00 43.89 ? 220  GLU A CA  1 
ATOM   626 C C   . GLU A 1 77 ? -11.009 -12.997 0.690   1.00 43.52 ? 220  GLU A C   1 
ATOM   627 O O   . GLU A 1 77 ? -10.770 -12.043 1.426   1.00 44.05 ? 220  GLU A O   1 
ATOM   628 C CB  . GLU A 1 77 ? -13.360 -13.553 0.106   1.00 45.02 ? 220  GLU A CB  1 
ATOM   629 C CG  . GLU A 1 77 ? -14.496 -12.577 0.394   1.00 49.23 ? 220  GLU A CG  1 
ATOM   630 C CD  . GLU A 1 77 ? -15.638 -12.688 -0.624  1.00 54.20 ? 220  GLU A CD  1 
ATOM   631 O OE1 . GLU A 1 77 ? -15.830 -11.727 -1.417  1.00 57.72 ? 220  GLU A OE1 1 
ATOM   632 O OE2 . GLU A 1 77 ? -16.339 -13.730 -0.632  1.00 54.60 ? 220  GLU A OE2 1 
ATOM   633 N N   . THR A 1 78 ? -10.357 -14.151 0.785   1.00 42.69 ? 221  THR A N   1 
ATOM   634 C CA  . THR A 1 78 ? -9.385  -14.368 1.857   1.00 41.83 ? 221  THR A CA  1 
ATOM   635 C C   . THR A 1 78 ? -8.033  -13.654 1.582   1.00 41.18 ? 221  THR A C   1 
ATOM   636 O O   . THR A 1 78 ? -7.395  -13.145 2.511   1.00 41.09 ? 221  THR A O   1 
ATOM   637 C CB  . THR A 1 78 ? -9.331  -15.887 2.336   1.00 42.16 ? 221  THR A CB  1 
ATOM   638 O OG1 . THR A 1 78 ? -7.995  -16.405 2.333   1.00 41.54 ? 221  THR A OG1 1 
ATOM   639 C CG2 . THR A 1 78 ? -10.236 -16.777 1.470   1.00 43.20 ? 221  THR A CG2 1 
ATOM   640 N N   . GLN A 1 79 ? -7.638  -13.595 0.312   1.00 39.40 ? 222  GLN A N   1 
ATOM   641 C CA  . GLN A 1 79 ? -6.477  -12.816 -0.132  1.00 39.09 ? 222  GLN A CA  1 
ATOM   642 C C   . GLN A 1 79 ? -6.661  -11.323 0.131   1.00 38.19 ? 222  GLN A C   1 
ATOM   643 O O   . GLN A 1 79 ? -5.689  -10.605 0.434   1.00 37.87 ? 222  GLN A O   1 
ATOM   644 C CB  . GLN A 1 79 ? -6.236  -13.017 -1.616  1.00 38.33 ? 222  GLN A CB  1 
ATOM   645 C CG  . GLN A 1 79 ? -5.465  -14.271 -1.965  1.00 41.25 ? 222  GLN A CG  1 
ATOM   646 C CD  . GLN A 1 79 ? -5.417  -14.506 -3.469  1.00 42.82 ? 222  GLN A CD  1 
ATOM   647 O OE1 . GLN A 1 79 ? -6.410  -14.340 -4.167  1.00 42.34 ? 222  GLN A OE1 1 
ATOM   648 N NE2 . GLN A 1 79 ? -4.246  -14.885 -3.971  1.00 46.75 ? 222  GLN A NE2 1 
ATOM   649 N N   . ILE A 1 80 ? -7.908  -10.869 0.005   1.00 37.15 ? 223  ILE A N   1 
ATOM   650 C CA  . ILE A 1 80 ? -8.257  -9.474  0.287   1.00 36.48 ? 223  ILE A CA  1 
ATOM   651 C C   . ILE A 1 80 ? -7.996  -9.166  1.735   1.00 35.89 ? 223  ILE A C   1 
ATOM   652 O O   . ILE A 1 80 ? -7.451  -8.108  2.035   1.00 35.94 ? 223  ILE A O   1 
ATOM   653 C CB  . ILE A 1 80 ? -9.716  -9.142  -0.119  1.00 35.95 ? 223  ILE A CB  1 
ATOM   654 C CG1 . ILE A 1 80 ? -9.830  -9.191  -1.646  1.00 35.87 ? 223  ILE A CG1 1 
ATOM   655 C CG2 . ILE A 1 80 ? -10.169 -7.782  0.439   1.00 34.68 ? 223  ILE A CG2 1 
ATOM   656 C CD1 . ILE A 1 80 ? -9.235  -8.005  -2.344  1.00 37.42 ? 223  ILE A CD1 1 
ATOM   657 N N   . ARG A 1 81 ? -8.364  -10.098 2.619   1.00 35.39 ? 224  ARG A N   1 
ATOM   658 C CA  . ARG A 1 81 ? -8.156  -9.951  4.051   1.00 34.96 ? 224  ARG A CA  1 
ATOM   659 C C   . ARG A 1 81 ? -6.693  -9.977  4.422   1.00 34.47 ? 224  ARG A C   1 
ATOM   660 O O   . ARG A 1 81 ? -6.248  -9.237  5.330   1.00 33.23 ? 224  ARG A O   1 
ATOM   661 C CB  . ARG A 1 81 ? -8.888  -11.034 4.828   1.00 35.77 ? 224  ARG A CB  1 
ATOM   662 C CG  . ARG A 1 81 ? -10.378 -10.786 4.932   1.00 36.73 ? 224  ARG A CG  1 
ATOM   663 C CD  . ARG A 1 81 ? -11.032 -11.684 6.019   1.00 41.61 ? 224  ARG A CD  1 
ATOM   664 N NE  . ARG A 1 81 ? -10.927 -13.118 5.724   1.00 44.30 ? 224  ARG A NE  1 
ATOM   665 C CZ  . ARG A 1 81 ? -11.646 -13.781 4.806   1.00 44.53 ? 224  ARG A CZ  1 
ATOM   666 N NH1 . ARG A 1 81 ? -12.564 -13.172 4.043   1.00 43.57 ? 224  ARG A NH1 1 
ATOM   667 N NH2 . ARG A 1 81 ? -11.435 -15.078 4.651   1.00 44.75 ? 224  ARG A NH2 1 
ATOM   668 N N   . GLU A 1 82 ? -5.946  -10.819 3.706   1.00 33.47 ? 225  GLU A N   1 
ATOM   669 C CA  . GLU A 1 82 ? -4.505  -10.908 3.856   1.00 33.96 ? 225  GLU A CA  1 
ATOM   670 C C   . GLU A 1 82 ? -3.816  -9.587  3.446   1.00 31.61 ? 225  GLU A C   1 
ATOM   671 O O   . GLU A 1 82 ? -2.969  -9.084  4.176   1.00 29.34 ? 225  GLU A O   1 
ATOM   672 C CB  . GLU A 1 82 ? -3.941  -12.133 3.096   1.00 33.93 ? 225  GLU A CB  1 
ATOM   673 C CG  . GLU A 1 82 ? -4.450  -13.476 3.699   1.00 38.02 ? 225  GLU A CG  1 
ATOM   674 C CD  . GLU A 1 82 ? -3.921  -14.777 3.007   1.00 39.54 ? 225  GLU A CD  1 
ATOM   675 O OE1 . GLU A 1 82 ? -3.436  -14.740 1.822   1.00 44.15 ? 225  GLU A OE1 1 
ATOM   676 O OE2 . GLU A 1 82 ? -4.017  -15.852 3.686   1.00 44.76 ? 225  GLU A OE2 1 
ATOM   677 N N   . LEU A 1 83 ? -4.229  -9.033  2.305   1.00 29.82 ? 226  LEU A N   1 
ATOM   678 C CA  . LEU A 1 83 ? -3.713  -7.772  1.804   1.00 29.85 ? 226  LEU A CA  1 
ATOM   679 C C   . LEU A 1 83 ? -3.974  -6.624  2.772   1.00 29.82 ? 226  LEU A C   1 
ATOM   680 O O   . LEU A 1 83 ? -3.070  -5.836  3.057   1.00 30.24 ? 226  LEU A O   1 
ATOM   681 C CB  . LEU A 1 83 ? -4.302  -7.447  0.431   1.00 29.57 ? 226  LEU A CB  1 
ATOM   682 C CG  . LEU A 1 83 ? -3.910  -6.104  -0.192  1.00 28.80 ? 226  LEU A CG  1 
ATOM   683 C CD1 . LEU A 1 83 ? -2.396  -5.891  -0.189  1.00 28.08 ? 226  LEU A CD1 1 
ATOM   684 C CD2 . LEU A 1 83 ? -4.463  -6.121  -1.564  1.00 28.16 ? 226  LEU A CD2 1 
ATOM   685 N N   . LEU A 1 84 ? -5.200  -6.543  3.267   1.00 29.34 ? 227  LEU A N   1 
ATOM   686 C CA  . LEU A 1 84 ? -5.587  -5.499  4.207   1.00 29.93 ? 227  LEU A CA  1 
ATOM   687 C C   . LEU A 1 84 ? -4.768  -5.610  5.472   1.00 29.75 ? 227  LEU A C   1 
ATOM   688 O O   . LEU A 1 84 ? -4.366  -4.595  6.046   1.00 29.28 ? 227  LEU A O   1 
ATOM   689 C CB  . LEU A 1 84 ? -7.076  -5.585  4.538   1.00 30.00 ? 227  LEU A CB  1 
ATOM   690 C CG  . LEU A 1 84 ? -7.758  -4.459  5.308   1.00 30.57 ? 227  LEU A CG  1 
ATOM   691 C CD1 . LEU A 1 84 ? -7.656  -3.129  4.545   1.00 31.28 ? 227  LEU A CD1 1 
ATOM   692 C CD2 . LEU A 1 84 ? -9.220  -4.840  5.494   1.00 29.78 ? 227  LEU A CD2 1 
ATOM   693 N N   . PHE A 1 85 ? -4.498  -6.840  5.894   1.00 29.07 ? 228  PHE A N   1 
ATOM   694 C CA  . PHE A 1 85 ? -3.671  -7.044  7.084   1.00 29.01 ? 228  PHE A CA  1 
ATOM   695 C C   . PHE A 1 85 ? -2.230  -6.615  6.834   1.00 26.90 ? 228  PHE A C   1 
ATOM   696 O O   . PHE A 1 85 ? -1.654  -5.949  7.652   1.00 25.59 ? 228  PHE A O   1 
ATOM   697 C CB  . PHE A 1 85 ? -3.737  -8.490  7.592   1.00 30.07 ? 228  PHE A CB  1 
ATOM   698 C CG  . PHE A 1 85 ? -3.033  -8.704  8.904   1.00 31.70 ? 228  PHE A CG  1 
ATOM   699 C CD1 . PHE A 1 85 ? -3.632  -8.327  10.106  1.00 35.54 ? 228  PHE A CD1 1 
ATOM   700 C CD2 . PHE A 1 85 ? -1.781  -9.293  8.941   1.00 34.51 ? 228  PHE A CD2 1 
ATOM   701 C CE1 . PHE A 1 85 ? -2.978  -8.536  11.329  1.00 36.31 ? 228  PHE A CE1 1 
ATOM   702 C CE2 . PHE A 1 85 ? -1.107  -9.503  10.172  1.00 35.87 ? 228  PHE A CE2 1 
ATOM   703 C CZ  . PHE A 1 85 ? -1.717  -9.126  11.362  1.00 34.59 ? 228  PHE A CZ  1 
ATOM   704 N N   . ASP A 1 86 ? -1.665  -6.969  5.694   1.00 25.82 ? 229  ASP A N   1 
ATOM   705 C CA  . ASP A 1 86 ? -0.297  -6.542  5.386   1.00 25.70 ? 229  ASP A CA  1 
ATOM   706 C C   . ASP A 1 86 ? -0.167  -5.007  5.287   1.00 24.66 ? 229  ASP A C   1 
ATOM   707 O O   . ASP A 1 86 ? 0.876   -4.502  5.608   1.00 25.03 ? 229  ASP A O   1 
ATOM   708 C CB  . ASP A 1 86 ? 0.255   -7.207  4.111   1.00 24.84 ? 229  ASP A CB  1 
ATOM   709 C CG  . ASP A 1 86 ? 0.341   -8.734  4.235   1.00 26.72 ? 229  ASP A CG  1 
ATOM   710 O OD1 . ASP A 1 86 ? 0.291   -9.246  5.372   1.00 23.95 ? 229  ASP A OD1 1 
ATOM   711 O OD2 . ASP A 1 86 ? 0.450   -9.409  3.190   1.00 25.97 ? 229  ASP A OD2 1 
ATOM   712 N N   . LEU A 1 87 ? -1.221  -4.320  4.831   1.00 23.86 ? 230  LEU A N   1 
ATOM   713 C CA  . LEU A 1 87 ? -1.219  -2.872  4.588   1.00 22.76 ? 230  LEU A CA  1 
ATOM   714 C C   . LEU A 1 87 ? -1.259  -2.147  5.920   1.00 21.89 ? 230  LEU A C   1 
ATOM   715 O O   . LEU A 1 87 ? -0.661  -1.113  6.078   1.00 22.03 ? 230  LEU A O   1 
ATOM   716 C CB  . LEU A 1 87 ? -2.433  -2.444  3.739   1.00 21.16 ? 230  LEU A CB  1 
ATOM   717 C CG  . LEU A 1 87 ? -2.327  -2.521  2.217   1.00 23.15 ? 230  LEU A CG  1 
ATOM   718 C CD1 . LEU A 1 87 ? -3.710  -2.479  1.703   1.00 22.21 ? 230  LEU A CD1 1 
ATOM   719 C CD2 . LEU A 1 87 ? -1.539  -1.349  1.623   1.00 23.71 ? 230  LEU A CD2 1 
ATOM   720 N N   . GLU A 1 88 ? -2.004  -2.677  6.863   1.00 21.67 ? 231  GLU A N   1 
ATOM   721 C CA  . GLU A 1 88 ? -1.987  -2.160  8.226   1.00 23.56 ? 231  GLU A CA  1 
ATOM   722 C C   . GLU A 1 88 ? -0.610  -2.289  8.891   1.00 22.52 ? 231  GLU A C   1 
ATOM   723 O O   . GLU A 1 88 ? -0.075  -1.323  9.440   1.00 22.75 ? 231  GLU A O   1 
ATOM   724 C CB  . GLU A 1 88 ? -3.056  -2.873  9.039   1.00 22.70 ? 231  GLU A CB  1 
ATOM   725 C CG  . GLU A 1 88 ? -4.477  -2.508  8.624   1.00 28.21 ? 231  GLU A CG  1 
ATOM   726 C CD  . GLU A 1 88 ? -5.555  -3.357  9.326   1.00 29.49 ? 231  GLU A CD  1 
ATOM   727 O OE1 . GLU A 1 88 ? -5.376  -4.585  9.438   1.00 36.23 ? 231  GLU A OE1 1 
ATOM   728 O OE2 . GLU A 1 88 ? -6.594  -2.789  9.751   1.00 38.08 ? 231  GLU A OE2 1 
ATOM   729 N N   . LEU A 1 89 ? -0.003  -3.473  8.818   1.00 22.38 ? 232  LEU A N   1 
ATOM   730 C CA  . LEU A 1 89 ? 1.338   -3.655  9.349   1.00 21.79 ? 232  LEU A CA  1 
ATOM   731 C C   . LEU A 1 89 ? 2.366   -2.718  8.646   1.00 21.09 ? 232  LEU A C   1 
ATOM   732 O O   . LEU A 1 89 ? 3.235   -2.137  9.270   1.00 20.81 ? 232  LEU A O   1 
ATOM   733 C CB  . LEU A 1 89 ? 1.750   -5.108  9.125   1.00 22.41 ? 232  LEU A CB  1 
ATOM   734 C CG  . LEU A 1 89 ? 1.594   -6.288  10.101  1.00 25.82 ? 232  LEU A CG  1 
ATOM   735 C CD1 . LEU A 1 89 ? 0.559   -6.181  11.197  1.00 27.84 ? 232  LEU A CD1 1 
ATOM   736 C CD2 . LEU A 1 89 ? 1.343   -7.545  9.282   1.00 29.24 ? 232  LEU A CD2 1 
ATOM   737 N N   . ALA A 1 90 ? 2.288   -2.607  7.326   1.00 18.56 ? 233  ALA A N   1 
ATOM   738 C CA  . ALA A 1 90 ? 3.168   -1.710  6.621   1.00 17.89 ? 233  ALA A CA  1 
ATOM   739 C C   . ALA A 1 90 ? 2.915   -0.275  7.032   1.00 16.77 ? 233  ALA A C   1 
ATOM   740 O O   . ALA A 1 90 ? 3.870   0.491   7.140   1.00 16.79 ? 233  ALA A O   1 
ATOM   741 C CB  . ALA A 1 90 ? 2.958   -1.849  5.152   1.00 16.04 ? 233  ALA A CB  1 
ATOM   742 N N   . TYR A 1 91 ? 1.654   0.081   7.279   1.00 16.48 ? 234  TYR A N   1 
ATOM   743 C CA  . TYR A 1 91 ? 1.352   1.437   7.732   1.00 17.91 ? 234  TYR A CA  1 
ATOM   744 C C   . TYR A 1 91 ? 1.974   1.706   9.057   1.00 19.55 ? 234  TYR A C   1 
ATOM   745 O O   . TYR A 1 91 ? 2.604   2.764   9.270   1.00 19.03 ? 234  TYR A O   1 
ATOM   746 C CB  . TYR A 1 91 ? -0.163  1.755   7.789   1.00 18.63 ? 234  TYR A CB  1 
ATOM   747 C CG  . TYR A 1 91 ? -0.365  3.141   8.332   1.00 20.76 ? 234  TYR A CG  1 
ATOM   748 C CD1 . TYR A 1 91 ? 0.070   4.254   7.629   1.00 20.54 ? 234  TYR A CD1 1 
ATOM   749 C CD2 . TYR A 1 91 ? -0.858  3.340   9.633   1.00 25.11 ? 234  TYR A CD2 1 
ATOM   750 C CE1 . TYR A 1 91 ? -0.071  5.512   8.103   1.00 22.81 ? 234  TYR A CE1 1 
ATOM   751 C CE2 . TYR A 1 91 ? -1.013  4.637   10.125  1.00 24.59 ? 234  TYR A CE2 1 
ATOM   752 C CZ  . TYR A 1 91 ? -0.593  5.700   9.357   1.00 22.75 ? 234  TYR A CZ  1 
ATOM   753 O OH  . TYR A 1 91 ? -0.708  6.982   9.847   1.00 25.05 ? 234  TYR A OH  1 
ATOM   754 N N   . LYS A 1 92 ? 1.803   0.741   9.967   1.00 20.16 ? 235  LYS A N   1 
ATOM   755 C CA  . LYS A 1 92 ? 2.340   0.900   11.305  1.00 21.74 ? 235  LYS A CA  1 
ATOM   756 C C   . LYS A 1 92 ? 3.874   1.064   11.366  1.00 20.65 ? 235  LYS A C   1 
ATOM   757 O O   . LYS A 1 92 ? 4.358   1.881   12.107  1.00 20.85 ? 235  LYS A O   1 
ATOM   758 C CB  . LYS A 1 92 ? 1.884   -0.245  12.204  1.00 21.67 ? 235  LYS A CB  1 
ATOM   759 C CG  . LYS A 1 92 ? 0.440   -0.177  12.609  1.00 26.94 ? 235  LYS A CG  1 
ATOM   760 C CD  . LYS A 1 92 ? 0.042   -1.392  13.449  1.00 29.57 ? 235  LYS A CD  1 
ATOM   761 C CE  . LYS A 1 92 ? -1.473  -1.452  13.557  1.00 33.95 ? 235  LYS A CE  1 
ATOM   762 N NZ  . LYS A 1 92 ? -1.940  -2.873  13.458  1.00 41.96 ? 235  LYS A NZ  1 
ATOM   763 N N   . SER A 1 93 ? 4.599   0.290   10.572  1.00 21.85 ? 236  SER A N   1 
ATOM   764 C CA  . SER A 1 93 ? 6.062   0.354   10.435  1.00 20.78 ? 236  SER A CA  1 
ATOM   765 C C   . SER A 1 93 ? 6.543   1.651   9.741   1.00 20.41 ? 236  SER A C   1 
ATOM   766 O O   . SER A 1 93 ? 7.577   2.182   10.100  1.00 19.64 ? 236  SER A O   1 
ATOM   767 C CB  . SER A 1 93 ? 6.589   -0.884  9.666   1.00 21.71 ? 236  SER A CB  1 
ATOM   768 O OG  . SER A 1 93 ? 6.033   -2.109  10.198  1.00 21.11 ? 236  SER A OG  1 
ATOM   769 N N   . PHE A 1 94 ? 5.806   2.125   8.742   1.00 19.23 ? 237  PHE A N   1 
ATOM   770 C CA  . PHE A 1 94 ? 5.964   3.465   8.151   1.00 18.37 ? 237  PHE A CA  1 
ATOM   771 C C   . PHE A 1 94 ? 5.841   4.537   9.255   1.00 17.63 ? 237  PHE A C   1 
ATOM   772 O O   . PHE A 1 94 ? 6.765   5.337   9.505   1.00 16.74 ? 237  PHE A O   1 
ATOM   773 C CB  . PHE A 1 94 ? 4.845   3.653   7.102   1.00 18.17 ? 237  PHE A CB  1 
ATOM   774 C CG  . PHE A 1 94 ? 4.835   5.026   6.442   1.00 20.20 ? 237  PHE A CG  1 
ATOM   775 C CD1 . PHE A 1 94 ? 3.877   5.998   6.816   1.00 18.34 ? 237  PHE A CD1 1 
ATOM   776 C CD2 . PHE A 1 94 ? 5.764   5.341   5.447   1.00 18.57 ? 237  PHE A CD2 1 
ATOM   777 C CE1 . PHE A 1 94 ? 3.878   7.293   6.243   1.00 15.10 ? 237  PHE A CE1 1 
ATOM   778 C CE2 . PHE A 1 94 ? 5.786   6.617   4.873   1.00 21.47 ? 237  PHE A CE2 1 
ATOM   779 C CZ  . PHE A 1 94 ? 4.834   7.583   5.242   1.00 18.38 ? 237  PHE A CZ  1 
ATOM   780 N N   . TYR A 1 95 ? 4.704   4.502   9.944   1.00 17.60 ? 238  TYR A N   1 
ATOM   781 C CA  . TYR A 1 95 ? 4.376   5.498   10.949  1.00 18.33 ? 238  TYR A CA  1 
ATOM   782 C C   . TYR A 1 95 ? 5.526   5.554   11.953  1.00 18.43 ? 238  TYR A C   1 
ATOM   783 O O   . TYR A 1 95 ? 5.996   6.621   12.310  1.00 17.78 ? 238  TYR A O   1 
ATOM   784 C CB  . TYR A 1 95 ? 3.020   5.167   11.602  1.00 20.10 ? 238  TYR A CB  1 
ATOM   785 C CG  . TYR A 1 95 ? 2.642   6.082   12.734  1.00 21.42 ? 238  TYR A CG  1 
ATOM   786 C CD1 . TYR A 1 95 ? 1.942   7.290   12.512  1.00 21.02 ? 238  TYR A CD1 1 
ATOM   787 C CD2 . TYR A 1 95 ? 3.022   5.762   14.040  1.00 25.08 ? 238  TYR A CD2 1 
ATOM   788 C CE1 . TYR A 1 95 ? 1.613   8.124   13.581  1.00 21.09 ? 238  TYR A CE1 1 
ATOM   789 C CE2 . TYR A 1 95 ? 2.711   6.564   15.093  1.00 21.00 ? 238  TYR A CE2 1 
ATOM   790 C CZ  . TYR A 1 95 ? 2.018   7.735   14.880  1.00 23.93 ? 238  TYR A CZ  1 
ATOM   791 O OH  . TYR A 1 95 ? 1.753   8.493   15.992  1.00 26.19 ? 238  TYR A OH  1 
ATOM   792 N N   . ALA A 1 96 ? 6.010   4.388   12.379  1.00 18.61 ? 239  ALA A N   1 
ATOM   793 C CA  . ALA A 1 96 ? 7.083   4.292   13.345  1.00 18.32 ? 239  ALA A CA  1 
ATOM   794 C C   . ALA A 1 96 ? 8.363   4.957   12.876  1.00 18.70 ? 239  ALA A C   1 
ATOM   795 O O   . ALA A 1 96 ? 9.173   5.359   13.680  1.00 19.62 ? 239  ALA A O   1 
ATOM   796 C CB  . ALA A 1 96 ? 7.368   2.798   13.651  1.00 18.60 ? 239  ALA A CB  1 
ATOM   797 N N   . LEU A 1 97 ? 8.583   5.052   11.576  1.00 19.05 ? 240  LEU A N   1 
ATOM   798 C CA  . LEU A 1 97 ? 9.800   5.730   11.042  1.00 20.23 ? 240  LEU A CA  1 
ATOM   799 C C   . LEU A 1 97 ? 9.756   7.254   11.234  1.00 20.78 ? 240  LEU A C   1 
ATOM   800 O O   . LEU A 1 97 ? 10.760  7.940   11.318  1.00 20.43 ? 240  LEU A O   1 
ATOM   801 C CB  . LEU A 1 97 ? 9.869   5.467   9.513   1.00 20.45 ? 240  LEU A CB  1 
ATOM   802 C CG  . LEU A 1 97 ? 10.946  4.533   8.964   1.00 24.64 ? 240  LEU A CG  1 
ATOM   803 C CD1 . LEU A 1 97 ? 11.146  3.306   9.813   1.00 23.32 ? 240  LEU A CD1 1 
ATOM   804 C CD2 . LEU A 1 97 ? 10.618  4.119   7.548   1.00 28.97 ? 240  LEU A CD2 1 
ATOM   805 N N   . LEU A 1 98 ? 8.548   7.764   11.334  1.00 21.61 ? 241  LEU A N   1 
ATOM   806 C CA  . LEU A 1 98 ? 8.281   9.185   11.224  1.00 21.49 ? 241  LEU A CA  1 
ATOM   807 C C   . LEU A 1 98 ? 8.724   9.904   12.460  1.00 21.91 ? 241  LEU A C   1 
ATOM   808 O O   . LEU A 1 98 ? 8.618   9.369   13.566  1.00 22.59 ? 241  LEU A O   1 
ATOM   809 C CB  . LEU A 1 98 ? 6.779   9.318   11.071  1.00 20.41 ? 241  LEU A CB  1 
ATOM   810 C CG  . LEU A 1 98 ? 6.130   9.483   9.723   1.00 20.68 ? 241  LEU A CG  1 
ATOM   811 C CD1 . LEU A 1 98 ? 6.953   9.010   8.510   1.00 16.47 ? 241  LEU A CD1 1 
ATOM   812 C CD2 . LEU A 1 98 ? 4.646   8.992   9.728   1.00 14.95 ? 241  LEU A CD2 1 
ATOM   813 N N   . ASP A 1 99 ? 9.187   11.139  12.297  1.00 21.70 ? 242  ASP A N   1 
ATOM   814 C CA  . ASP A 1 99 ? 9.559   11.979  13.442  1.00 22.35 ? 242  ASP A CA  1 
ATOM   815 C C   . ASP A 1 99 ? 9.319   13.503  13.198  1.00 21.76 ? 242  ASP A C   1 
ATOM   816 O O   . ASP A 1 99 ? 8.829   13.874  12.147  1.00 19.67 ? 242  ASP A O   1 
ATOM   817 C CB  . ASP A 1 99 ? 11.026  11.708  13.890  1.00 22.45 ? 242  ASP A CB  1 
ATOM   818 C CG  . ASP A 1 99 ? 12.080  12.196  12.875  1.00 24.55 ? 242  ASP A CG  1 
ATOM   819 O OD1 . ASP A 1 99 ? 13.282  12.071  13.184  1.00 28.08 ? 242  ASP A OD1 1 
ATOM   820 O OD2 . ASP A 1 99 ? 11.755  12.699  11.781  1.00 27.25 ? 242  ASP A OD2 1 
ATOM   821 O OXT . ASP A 1 99 ? 9.651   14.372  14.031  1.00 20.73 ? 242  ASP A OXT 1 
HETATM 822 O O   . HOH B 2 .  ? 14.143  19.531  9.020   1.00 18.37 ? 2001 HOH A O   1 
HETATM 823 O O   . HOH B 2 .  ? 9.359   20.852  16.163  1.00 35.56 ? 2002 HOH A O   1 
HETATM 824 O O   . HOH B 2 .  ? 14.678  12.605  4.592   1.00 19.76 ? 2003 HOH A O   1 
HETATM 825 O O   . HOH B 2 .  ? -8.950  2.301   7.430   1.00 55.62 ? 2004 HOH A O   1 
HETATM 826 O O   . HOH B 2 .  ? -16.676 -2.960  -6.118  1.00 50.55 ? 2005 HOH A O   1 
HETATM 827 O O   . HOH B 2 .  ? -4.347  5.909   -8.237  1.00 53.57 ? 2006 HOH A O   1 
HETATM 828 O O   . HOH B 2 .  ? -3.369  4.854   -3.530  1.00 33.97 ? 2007 HOH A O   1 
HETATM 829 O O   . HOH B 2 .  ? 4.878   1.969   -8.349  1.00 32.51 ? 2008 HOH A O   1 
HETATM 830 O O   . HOH B 2 .  ? 0.284   10.290  -4.445  1.00 36.86 ? 2009 HOH A O   1 
HETATM 831 O O   . HOH B 2 .  ? 8.817   8.059   -5.859  1.00 34.69 ? 2010 HOH A O   1 
HETATM 832 O O   . HOH B 2 .  ? 4.534   10.996  -1.022  1.00 14.13 ? 2011 HOH A O   1 
HETATM 833 O O   . HOH B 2 .  ? 13.195  9.416   -1.041  1.00 34.43 ? 2012 HOH A O   1 
HETATM 834 O O   . HOH B 2 .  ? 11.829  12.748  -1.541  1.00 43.72 ? 2013 HOH A O   1 
HETATM 835 O O   . HOH B 2 .  ? 10.720  13.030  3.130   1.00 19.94 ? 2014 HOH A O   1 
HETATM 836 O O   . HOH B 2 .  ? 13.997  10.520  3.025   1.00 28.83 ? 2015 HOH A O   1 
HETATM 837 O O   . HOH B 2 .  ? 16.875  5.309   2.271   1.00 22.99 ? 2016 HOH A O   1 
HETATM 838 O O   . HOH B 2 .  ? 6.934   22.031  16.317  1.00 36.92 ? 2017 HOH A O   1 
HETATM 839 O O   . HOH B 2 .  ? 11.021  -3.361  -0.246  1.00 20.50 ? 2018 HOH A O   1 
HETATM 840 O O   . HOH B 2 .  ? 13.187  -6.445  1.115   1.00 24.90 ? 2019 HOH A O   1 
HETATM 841 O O   . HOH B 2 .  ? 10.509  -4.545  3.858   1.00 18.01 ? 2020 HOH A O   1 
HETATM 842 O O   . HOH B 2 .  ? 10.697  -1.094  10.326  1.00 21.94 ? 2021 HOH A O   1 
HETATM 843 O O   . HOH B 2 .  ? 9.426   -7.125  5.758   1.00 32.49 ? 2022 HOH A O   1 
HETATM 844 O O   . HOH B 2 .  ? -5.182  2.890   9.571   1.00 41.86 ? 2023 HOH A O   1 
HETATM 845 O O   . HOH B 2 .  ? 8.659   -10.377 1.747   1.00 48.65 ? 2024 HOH A O   1 
HETATM 846 O O   . HOH B 2 .  ? -4.401  6.292   -5.252  1.00 37.07 ? 2025 HOH A O   1 
HETATM 847 O O   . HOH B 2 .  ? 11.007  9.396   -5.528  1.00 40.95 ? 2026 HOH A O   1 
HETATM 848 O O   . HOH B 2 .  ? -3.142  -14.715 -7.299  1.00 45.57 ? 2027 HOH A O   1 
HETATM 849 O O   . HOH B 2 .  ? 1.492   -18.952 -5.923  1.00 45.14 ? 2028 HOH A O   1 
HETATM 850 O O   . HOH B 2 .  ? 1.197   -12.646 -1.797  1.00 42.43 ? 2029 HOH A O   1 
HETATM 851 O O   . HOH B 2 .  ? 14.498  10.521  0.524   1.00 47.06 ? 2030 HOH A O   1 
HETATM 852 O O   . HOH B 2 .  ? 13.054  -9.537  2.661   1.00 44.01 ? 2031 HOH A O   1 
HETATM 853 O O   . HOH B 2 .  ? 2.479   -12.443 0.134   1.00 49.37 ? 2032 HOH A O   1 
HETATM 854 O O   . HOH B 2 .  ? 12.993  -9.026  5.103   1.00 37.59 ? 2033 HOH A O   1 
HETATM 855 O O   . HOH B 2 .  ? -12.734 -11.017 -3.806  1.00 35.31 ? 2034 HOH A O   1 
HETATM 856 O O   . HOH B 2 .  ? -0.360  3.984   14.100  1.00 35.16 ? 2035 HOH A O   1 
HETATM 857 O O   . HOH B 2 .  ? 4.464   4.760   18.508  1.00 42.49 ? 2036 HOH A O   1 
HETATM 858 O O   . HOH B 2 .  ? -1.556  6.309   13.908  1.00 34.58 ? 2037 HOH A O   1 
HETATM 859 O O   . HOH B 2 .  ? 4.704   3.681   16.382  1.00 35.43 ? 2038 HOH A O   1 
HETATM 860 O O   . HOH B 2 .  ? -7.823  -8.156  7.055   1.00 32.83 ? 2039 HOH A O   1 
HETATM 861 O O   . HOH B 2 .  ? 11.336  2.114   12.509  1.00 40.61 ? 2040 HOH A O   1 
HETATM 862 O O   . HOH B 2 .  ? -7.504  -6.758  8.981   1.00 38.88 ? 2041 HOH A O   1 
HETATM 863 O O   . HOH B 2 .  ? -2.243  7.182   11.829  1.00 47.26 ? 2042 HOH A O   1 
HETATM 864 O O   . HOH B 2 .  ? 3.700   2.383   14.570  1.00 27.52 ? 2043 HOH A O   1 
HETATM 865 O O   . HOH B 2 .  ? -2.110  -5.064  11.895  1.00 38.87 ? 2044 HOH A O   1 
HETATM 866 O O   . HOH B 2 .  ? 9.652   0.972   11.363  1.00 25.98 ? 2045 HOH A O   1 
HETATM 867 O O   . HOH B 2 .  ? 13.342  7.607   12.353  1.00 32.63 ? 2046 HOH A O   1 
HETATM 868 O O   . HOH B 2 .  ? 9.852   13.666  10.044  1.00 28.04 ? 2047 HOH A O   1 
HETATM 869 O O   . HOH B 2 .  ? 15.500  13.546  12.896  1.00 32.00 ? 2048 HOH A O   1 
HETATM 870 O O   . HOH B 2 .  ? 13.714  9.640   14.084  1.00 32.70 ? 2049 HOH A O   1 
# 
